data_5PGU
#
_entry.id   5PGU
#
_cell.length_a   74.300
_cell.length_b   93.800
_cell.length_c   168.100
_cell.angle_alpha   90.000
_cell.angle_beta   90.000
_cell.angle_gamma   90.000
#
_symmetry.space_group_name_H-M   'P 21 21 21'
#
loop_
_entity.id
_entity.type
_entity.pdbx_description
1 polymer 'Corticosteroid 11-beta-dehydrogenase isozyme 1'
2 non-polymer 'NADP NICOTINAMIDE-ADENINE-DINUCLEOTIDE PHOSPHATE'
3 non-polymer 2-[2-(4-fluorophenyl)-2-adamantyl]-1-(3-methoxyazetidin-1-yl)ethanone
4 water water
#
_entity_poly.entity_id   1
_entity_poly.type   'polypeptide(L)'
_entity_poly.pdbx_seq_one_letter_code
;GSHMASMTGGQQMGRGSNEEFRPEMLQGKKVIVTGASKGIGREMAYHLAKMGAHVVVTARSKETLQKVVSHCLELGAASA
HYIAGTMEDMTFAEQFVAQAGKLMGGLDMLILNHITNTSLNLFHDDIHHVRKSMEVNFLSYVVLTVAALPMLKQSNGSIV
VVSSLAGKVAYPMVAAYSASKFALDGFFSSIRKEYSVSRVNVSITLCVLGLIDTETAMKAVSGIVHMQAAPKEECALEII
KGGALRQEEVYYDSSRWTTLLIRNPCRKILEELYSTSYNMDRFINK
;
_entity_poly.pdbx_strand_id   A,B,D,E
#
loop_
_chem_comp.id
_chem_comp.type
_chem_comp.name
_chem_comp.formula
8K4 non-polymer 2-[2-(4-fluorophenyl)-2-adamantyl]-1-(3-methoxyazetidin-1-yl)ethanone 'C22 H28 F N O2'
NAP non-polymer 'NADP NICOTINAMIDE-ADENINE-DINUCLEOTIDE PHOSPHATE' 'C21 H28 N7 O17 P3'
#
# COMPACT_ATOMS: atom_id res chain seq x y z
N GLU A 20 -24.23 10.80 1.83
CA GLU A 20 -24.85 10.87 3.15
C GLU A 20 -26.18 10.10 3.11
N PHE A 21 -26.30 9.10 3.99
CA PHE A 21 -27.48 8.25 4.10
C PHE A 21 -28.68 8.97 4.75
N ARG A 22 -29.88 8.64 4.25
CA ARG A 22 -31.17 9.14 4.73
C ARG A 22 -32.12 7.92 4.84
N PRO A 23 -32.74 7.62 6.02
CA PRO A 23 -33.67 6.44 6.12
C PRO A 23 -34.77 6.36 5.06
N GLU A 24 -35.13 7.49 4.45
CA GLU A 24 -36.15 7.59 3.39
C GLU A 24 -35.72 6.91 2.09
N MET A 25 -34.41 6.61 1.94
CA MET A 25 -33.85 5.91 0.76
C MET A 25 -34.40 4.48 0.68
N LEU A 26 -34.87 3.91 1.82
CA LEU A 26 -35.44 2.57 1.93
C LEU A 26 -36.96 2.53 1.96
N GLN A 27 -37.61 3.72 2.05
CA GLN A 27 -39.08 3.86 2.05
C GLN A 27 -39.67 3.33 0.74
N GLY A 28 -40.52 2.30 0.85
CA GLY A 28 -41.16 1.64 -0.29
C GLY A 28 -40.27 0.68 -1.08
N LYS A 29 -39.01 0.48 -0.65
CA LYS A 29 -38.08 -0.44 -1.31
C LYS A 29 -38.45 -1.90 -1.02
N LYS A 30 -38.25 -2.78 -2.02
CA LYS A 30 -38.55 -4.22 -1.90
C LYS A 30 -37.26 -4.96 -1.55
N VAL A 31 -37.15 -5.42 -0.29
CA VAL A 31 -35.92 -6.03 0.23
C VAL A 31 -36.11 -7.46 0.75
N ILE A 32 -35.14 -8.33 0.38
CA ILE A 32 -35.00 -9.69 0.88
C ILE A 32 -33.89 -9.63 1.94
N VAL A 33 -34.10 -10.32 3.09
CA VAL A 33 -33.07 -10.49 4.11
C VAL A 33 -32.99 -11.99 4.45
N THR A 34 -31.83 -12.62 4.21
CA THR A 34 -31.62 -14.04 4.54
C THR A 34 -31.05 -14.13 5.96
N GLY A 35 -31.25 -15.28 6.62
CA GLY A 35 -30.85 -15.52 8.01
C GLY A 35 -31.36 -14.43 8.94
N ALA A 36 -32.65 -14.05 8.76
CA ALA A 36 -33.23 -12.93 9.48
C ALA A 36 -34.11 -13.30 10.68
N SER A 37 -33.98 -14.54 11.19
CA SER A 37 -34.74 -14.97 12.36
C SER A 37 -34.06 -14.51 13.64
N LYS A 38 -32.73 -14.29 13.58
CA LYS A 38 -31.93 -13.83 14.72
C LYS A 38 -30.69 -13.05 14.26
N GLY A 39 -29.90 -12.60 15.24
CA GLY A 39 -28.67 -11.86 15.08
C GLY A 39 -28.77 -10.62 14.22
N ILE A 40 -27.72 -10.40 13.39
CA ILE A 40 -27.58 -9.25 12.49
C ILE A 40 -28.75 -9.17 11.51
N GLY A 41 -29.14 -10.30 10.90
CA GLY A 41 -30.24 -10.42 9.95
C GLY A 41 -31.58 -9.92 10.47
N ARG A 42 -31.93 -10.30 11.72
CA ARG A 42 -33.14 -9.85 12.40
C ARG A 42 -33.10 -8.32 12.60
N GLU A 43 -31.93 -7.80 13.01
CA GLU A 43 -31.72 -6.36 13.21
C GLU A 43 -31.89 -5.57 11.94
N MET A 44 -31.47 -6.14 10.79
CA MET A 44 -31.61 -5.50 9.49
C MET A 44 -33.07 -5.38 9.09
N ALA A 45 -33.85 -6.45 9.31
CA ALA A 45 -35.30 -6.52 9.05
C ALA A 45 -36.02 -5.44 9.87
N TYR A 46 -35.64 -5.29 11.16
CA TYR A 46 -36.19 -4.29 12.10
C TYR A 46 -35.93 -2.86 11.64
N HIS A 47 -34.68 -2.54 11.22
CA HIS A 47 -34.33 -1.21 10.70
C HIS A 47 -35.10 -0.91 9.41
N LEU A 48 -35.16 -1.89 8.47
CA LEU A 48 -35.87 -1.76 7.19
C LEU A 48 -37.37 -1.51 7.39
N ALA A 49 -37.96 -2.21 8.37
CA ALA A 49 -39.36 -2.08 8.77
C ALA A 49 -39.64 -0.65 9.23
N LYS A 50 -38.77 -0.11 10.14
CA LYS A 50 -38.83 1.26 10.66
C LYS A 50 -38.75 2.27 9.52
N MET A 51 -37.96 1.95 8.46
CA MET A 51 -37.76 2.78 7.26
C MET A 51 -38.94 2.73 6.26
N GLY A 52 -39.89 1.83 6.48
CA GLY A 52 -41.07 1.69 5.65
C GLY A 52 -40.84 0.91 4.38
N ALA A 53 -39.90 -0.05 4.44
CA ALA A 53 -39.62 -0.90 3.29
C ALA A 53 -40.54 -2.10 3.30
N HIS A 54 -40.68 -2.76 2.15
CA HIS A 54 -41.38 -4.02 2.03
C HIS A 54 -40.30 -5.05 2.33
N VAL A 55 -40.60 -5.99 3.20
CA VAL A 55 -39.59 -6.98 3.56
C VAL A 55 -40.07 -8.41 3.38
N VAL A 56 -39.14 -9.28 2.98
CA VAL A 56 -39.33 -10.73 2.91
C VAL A 56 -38.14 -11.33 3.63
N VAL A 57 -38.41 -11.96 4.78
CA VAL A 57 -37.39 -12.56 5.64
C VAL A 57 -37.36 -14.08 5.46
N THR A 58 -36.18 -14.68 5.60
CA THR A 58 -36.01 -16.13 5.51
C THR A 58 -34.95 -16.63 6.47
N ALA A 59 -35.10 -17.91 6.86
CA ALA A 59 -34.30 -18.71 7.78
C ALA A 59 -35.04 -20.06 7.87
N ARG A 60 -34.57 -21.03 8.66
CA ARG A 60 -35.24 -22.34 8.78
C ARG A 60 -36.47 -22.34 9.68
N SER A 61 -36.42 -21.60 10.81
CA SER A 61 -37.46 -21.56 11.85
C SER A 61 -38.67 -20.69 11.54
N LYS A 62 -39.78 -21.34 11.21
CA LYS A 62 -41.10 -20.76 10.90
C LYS A 62 -41.59 -19.92 12.09
N GLU A 63 -41.53 -20.49 13.31
CA GLU A 63 -41.97 -19.90 14.57
C GLU A 63 -41.24 -18.59 14.92
N THR A 64 -39.91 -18.57 14.77
CA THR A 64 -39.09 -17.38 15.05
C THR A 64 -39.32 -16.32 13.96
N LEU A 65 -39.43 -16.75 12.67
CA LEU A 65 -39.71 -15.86 11.53
C LEU A 65 -41.03 -15.14 11.68
N GLN A 66 -42.08 -15.86 12.18
CA GLN A 66 -43.42 -15.33 12.44
C GLN A 66 -43.37 -14.15 13.39
N LYS A 67 -42.58 -14.28 14.49
CA LYS A 67 -42.39 -13.24 15.50
C LYS A 67 -41.71 -12.00 14.90
N VAL A 68 -40.68 -12.21 14.06
CA VAL A 68 -39.92 -11.15 13.37
C VAL A 68 -40.84 -10.37 12.44
N VAL A 69 -41.67 -11.09 11.65
CA VAL A 69 -42.67 -10.52 10.71
C VAL A 69 -43.68 -9.64 11.47
N SER A 70 -44.22 -10.15 12.59
CA SER A 70 -45.17 -9.42 13.44
C SER A 70 -44.58 -8.09 13.95
N HIS A 71 -43.34 -8.11 14.52
CA HIS A 71 -42.74 -6.86 14.99
C HIS A 71 -42.29 -5.95 13.86
N CYS A 72 -42.02 -6.49 12.64
CA CYS A 72 -41.72 -5.67 11.43
C CYS A 72 -42.94 -4.81 11.06
N LEU A 73 -44.13 -5.41 11.09
CA LEU A 73 -45.41 -4.74 10.84
C LEU A 73 -45.69 -3.67 11.90
N GLU A 74 -45.36 -3.96 13.18
CA GLU A 74 -45.53 -3.04 14.30
C GLU A 74 -44.62 -1.82 14.15
N LEU A 75 -43.38 -2.03 13.63
CA LEU A 75 -42.40 -0.95 13.42
C LEU A 75 -42.72 -0.02 12.23
N GLY A 76 -43.65 -0.43 11.37
CA GLY A 76 -44.07 0.38 10.23
C GLY A 76 -43.64 -0.11 8.87
N ALA A 77 -43.47 -1.43 8.70
CA ALA A 77 -43.09 -2.01 7.42
C ALA A 77 -44.29 -1.88 6.45
N ALA A 78 -44.03 -1.45 5.21
CA ALA A 78 -45.04 -1.30 4.17
C ALA A 78 -45.77 -2.65 3.89
N SER A 79 -45.06 -3.78 4.08
CA SER A 79 -45.50 -5.17 4.02
C SER A 79 -44.41 -6.04 4.62
N ALA A 80 -44.76 -7.19 5.21
CA ALA A 80 -43.79 -8.10 5.82
C ALA A 80 -44.25 -9.55 5.67
N HIS A 81 -43.39 -10.38 5.08
CA HIS A 81 -43.66 -11.78 4.85
C HIS A 81 -42.43 -12.62 5.18
N TYR A 82 -42.65 -13.91 5.48
CA TYR A 82 -41.58 -14.87 5.71
C TYR A 82 -41.82 -16.10 4.84
N ILE A 83 -40.74 -16.80 4.47
CA ILE A 83 -40.78 -18.07 3.76
C ILE A 83 -39.68 -18.88 4.43
N ALA A 84 -40.05 -19.95 5.12
CA ALA A 84 -39.10 -20.80 5.85
C ALA A 84 -38.52 -21.90 4.97
N GLY A 85 -37.26 -22.22 5.22
CA GLY A 85 -36.56 -23.28 4.52
C GLY A 85 -35.06 -23.25 4.74
N THR A 86 -34.38 -24.32 4.34
CA THR A 86 -32.94 -24.41 4.50
C THR A 86 -32.20 -24.03 3.21
N MET A 87 -31.10 -23.29 3.40
CA MET A 87 -30.25 -22.85 2.29
C MET A 87 -29.26 -23.94 1.86
N GLU A 88 -29.34 -25.14 2.45
CA GLU A 88 -28.58 -26.34 2.03
C GLU A 88 -29.19 -26.84 0.72
N ASP A 89 -30.46 -26.52 0.53
CA ASP A 89 -31.27 -26.88 -0.63
C ASP A 89 -31.24 -25.73 -1.67
N MET A 90 -30.56 -25.97 -2.81
CA MET A 90 -30.42 -25.01 -3.90
C MET A 90 -31.76 -24.77 -4.62
N THR A 91 -32.64 -25.79 -4.62
CA THR A 91 -33.99 -25.69 -5.20
C THR A 91 -34.82 -24.69 -4.36
N PHE A 92 -34.78 -24.82 -3.01
CA PHE A 92 -35.46 -23.90 -2.11
C PHE A 92 -34.96 -22.46 -2.30
N ALA A 93 -33.64 -22.26 -2.38
CA ALA A 93 -33.00 -20.96 -2.59
C ALA A 93 -33.51 -20.27 -3.88
N GLU A 94 -33.57 -21.03 -4.99
CA GLU A 94 -34.06 -20.52 -6.27
C GLU A 94 -35.55 -20.17 -6.18
N GLN A 95 -36.38 -21.05 -5.61
CA GLN A 95 -37.83 -20.83 -5.50
C GLN A 95 -38.19 -19.72 -4.53
N PHE A 96 -37.43 -19.58 -3.43
CA PHE A 96 -37.62 -18.55 -2.43
C PHE A 96 -37.65 -17.14 -3.06
N VAL A 97 -36.64 -16.85 -3.90
CA VAL A 97 -36.49 -15.55 -4.57
C VAL A 97 -37.69 -15.25 -5.49
N ALA A 98 -38.13 -16.24 -6.27
CA ALA A 98 -39.29 -16.11 -7.16
C ALA A 98 -40.54 -15.79 -6.33
N GLN A 99 -40.77 -16.51 -5.23
CA GLN A 99 -41.91 -16.30 -4.32
C GLN A 99 -41.87 -14.94 -3.65
N ALA A 100 -40.68 -14.54 -3.14
CA ALA A 100 -40.47 -13.24 -2.49
C ALA A 100 -40.74 -12.08 -3.47
N GLY A 101 -40.22 -12.20 -4.70
CA GLY A 101 -40.43 -11.23 -5.77
C GLY A 101 -41.88 -11.12 -6.19
N LYS A 102 -42.61 -12.25 -6.17
CA LYS A 102 -44.02 -12.30 -6.53
C LYS A 102 -44.86 -11.65 -5.42
N LEU A 103 -44.50 -11.87 -4.14
CA LEU A 103 -45.16 -11.26 -2.98
C LEU A 103 -45.02 -9.72 -2.98
N MET A 104 -43.83 -9.21 -3.35
CA MET A 104 -43.54 -7.77 -3.34
C MET A 104 -43.76 -7.05 -4.69
N GLY A 105 -43.85 -7.79 -5.79
CA GLY A 105 -44.01 -7.24 -7.13
C GLY A 105 -42.72 -6.66 -7.66
N GLY A 106 -41.60 -7.31 -7.34
CA GLY A 106 -40.27 -6.86 -7.72
C GLY A 106 -39.25 -6.97 -6.60
N LEU A 107 -38.02 -6.50 -6.87
CA LEU A 107 -36.93 -6.55 -5.91
C LEU A 107 -35.95 -5.43 -6.10
N ASP A 108 -35.66 -4.69 -5.01
CA ASP A 108 -34.72 -3.56 -5.03
C ASP A 108 -33.41 -3.91 -4.35
N MET A 109 -33.47 -4.70 -3.27
CA MET A 109 -32.25 -5.07 -2.57
C MET A 109 -32.30 -6.51 -2.11
N LEU A 110 -31.19 -7.22 -2.31
CA LEU A 110 -31.03 -8.61 -1.89
C LEU A 110 -29.92 -8.61 -0.84
N ILE A 111 -30.27 -8.92 0.42
CA ILE A 111 -29.29 -8.98 1.51
C ILE A 111 -28.99 -10.44 1.84
N LEU A 112 -27.79 -10.88 1.47
CA LEU A 112 -27.28 -12.23 1.65
C LEU A 112 -26.50 -12.29 2.94
N ASN A 113 -27.15 -12.85 3.96
CA ASN A 113 -26.63 -12.83 5.31
C ASN A 113 -26.46 -14.19 5.98
N HIS A 114 -27.33 -15.16 5.73
CA HIS A 114 -27.24 -16.47 6.40
C HIS A 114 -25.87 -17.18 6.27
N ILE A 115 -25.51 -18.00 7.27
CA ILE A 115 -24.30 -18.84 7.26
C ILE A 115 -24.69 -20.15 7.92
N THR A 116 -23.88 -21.20 7.75
CA THR A 116 -24.11 -22.48 8.41
C THR A 116 -23.56 -22.34 9.84
N ASN A 117 -24.10 -23.08 10.82
CA ASN A 117 -23.62 -23.04 12.21
C ASN A 117 -22.15 -23.42 12.24
N THR A 118 -21.33 -22.59 12.90
CA THR A 118 -19.87 -22.79 12.93
C THR A 118 -19.30 -22.43 14.30
N SER A 119 -18.12 -22.97 14.61
CA SER A 119 -17.45 -22.79 15.89
C SER A 119 -15.96 -22.63 15.71
N LEU A 120 -15.24 -22.33 16.80
CA LEU A 120 -13.79 -22.19 16.78
C LEU A 120 -13.19 -23.55 17.06
N ASN A 121 -12.68 -24.21 16.02
CA ASN A 121 -12.06 -25.53 16.12
C ASN A 121 -10.96 -25.68 15.08
N LEU A 122 -9.91 -26.43 15.46
CA LEU A 122 -8.84 -26.74 14.54
C LEU A 122 -9.38 -27.65 13.43
N PHE A 123 -8.83 -27.50 12.23
CA PHE A 123 -9.17 -28.34 11.11
C PHE A 123 -8.28 -29.59 11.20
N HIS A 124 -8.90 -30.78 11.11
CA HIS A 124 -8.16 -32.05 11.10
C HIS A 124 -8.49 -32.84 9.84
N ASP A 125 -9.75 -33.30 9.71
CA ASP A 125 -10.23 -34.10 8.57
C ASP A 125 -11.75 -33.94 8.29
N ASP A 126 -12.34 -32.81 8.71
CA ASP A 126 -13.76 -32.58 8.53
C ASP A 126 -14.07 -31.92 7.18
N ILE A 127 -13.99 -32.73 6.12
CA ILE A 127 -14.30 -32.35 4.75
C ILE A 127 -15.81 -32.06 4.62
N HIS A 128 -16.60 -32.72 5.50
CA HIS A 128 -18.05 -32.56 5.61
C HIS A 128 -18.36 -31.07 5.93
N HIS A 129 -17.77 -30.51 7.02
CA HIS A 129 -17.95 -29.11 7.44
C HIS A 129 -17.40 -28.10 6.37
N VAL A 130 -16.32 -28.44 5.64
CA VAL A 130 -15.76 -27.60 4.56
C VAL A 130 -16.79 -27.50 3.41
N ARG A 131 -17.39 -28.66 3.03
CA ARG A 131 -18.39 -28.75 1.96
C ARG A 131 -19.68 -28.04 2.34
N LYS A 132 -20.15 -28.27 3.57
CA LYS A 132 -21.39 -27.65 4.08
C LYS A 132 -21.26 -26.11 4.10
N SER A 133 -20.09 -25.59 4.56
CA SER A 133 -19.81 -24.15 4.59
C SER A 133 -19.75 -23.59 3.19
N MET A 134 -19.13 -24.30 2.24
CA MET A 134 -19.05 -23.83 0.87
C MET A 134 -20.45 -23.77 0.23
N GLU A 135 -21.26 -24.79 0.46
CA GLU A 135 -22.64 -24.87 -0.04
C GLU A 135 -23.55 -23.76 0.53
N VAL A 136 -23.65 -23.65 1.87
CA VAL A 136 -24.53 -22.67 2.53
C VAL A 136 -23.99 -21.24 2.42
N ASN A 137 -22.71 -21.01 2.76
CA ASN A 137 -22.21 -19.62 2.81
C ASN A 137 -21.83 -19.04 1.48
N PHE A 138 -21.58 -19.89 0.47
CA PHE A 138 -21.15 -19.38 -0.82
C PHE A 138 -22.05 -19.80 -2.00
N LEU A 139 -22.22 -21.10 -2.22
CA LEU A 139 -22.99 -21.57 -3.38
C LEU A 139 -24.45 -21.09 -3.37
N SER A 140 -25.13 -21.12 -2.17
CA SER A 140 -26.50 -20.63 -2.05
C SER A 140 -26.62 -19.13 -2.34
N TYR A 141 -25.55 -18.33 -2.04
CA TYR A 141 -25.49 -16.88 -2.34
C TYR A 141 -25.46 -16.70 -3.85
N VAL A 142 -24.72 -17.58 -4.58
CA VAL A 142 -24.61 -17.55 -6.04
C VAL A 142 -25.99 -17.87 -6.67
N VAL A 143 -26.68 -18.95 -6.20
CA VAL A 143 -28.02 -19.36 -6.67
C VAL A 143 -29.06 -18.26 -6.39
N LEU A 144 -29.05 -17.67 -5.17
CA LEU A 144 -29.94 -16.57 -4.79
C LEU A 144 -29.69 -15.33 -5.68
N THR A 145 -28.42 -15.04 -6.03
CA THR A 145 -28.04 -13.95 -6.94
C THR A 145 -28.61 -14.20 -8.35
N VAL A 146 -28.39 -15.40 -8.92
CA VAL A 146 -28.89 -15.83 -10.25
C VAL A 146 -30.43 -15.66 -10.31
N ALA A 147 -31.13 -16.11 -9.28
CA ALA A 147 -32.58 -16.01 -9.20
C ALA A 147 -33.05 -14.56 -9.09
N ALA A 148 -32.33 -13.72 -8.31
CA ALA A 148 -32.67 -12.30 -8.05
C ALA A 148 -32.31 -11.26 -9.14
N LEU A 149 -31.28 -11.54 -9.95
CA LEU A 149 -30.70 -10.66 -10.96
C LEU A 149 -31.69 -10.10 -11.99
N PRO A 150 -32.55 -10.87 -12.70
CA PRO A 150 -33.50 -10.22 -13.63
C PRO A 150 -34.31 -9.06 -12.99
N MET A 151 -34.89 -9.25 -11.79
CA MET A 151 -35.65 -8.22 -11.08
C MET A 151 -34.78 -7.06 -10.65
N LEU A 152 -33.53 -7.36 -10.24
CA LEU A 152 -32.56 -6.37 -9.81
C LEU A 152 -32.12 -5.47 -10.95
N LYS A 153 -32.01 -6.04 -12.16
CA LYS A 153 -31.64 -5.32 -13.40
C LYS A 153 -32.77 -4.35 -13.79
N GLN A 154 -34.02 -4.76 -13.57
CA GLN A 154 -35.25 -3.98 -13.81
C GLN A 154 -35.32 -2.71 -12.93
N SER A 155 -35.00 -2.84 -11.62
CA SER A 155 -35.06 -1.79 -10.61
C SER A 155 -33.75 -1.01 -10.38
N ASN A 156 -32.65 -1.44 -11.08
CA ASN A 156 -31.28 -0.92 -10.90
C ASN A 156 -30.92 -1.08 -9.39
N GLY A 157 -31.26 -2.24 -8.84
CA GLY A 157 -31.12 -2.54 -7.43
C GLY A 157 -29.72 -2.82 -6.94
N SER A 158 -29.65 -3.41 -5.72
CA SER A 158 -28.39 -3.75 -5.05
C SER A 158 -28.33 -5.15 -4.48
N ILE A 159 -27.11 -5.71 -4.41
CA ILE A 159 -26.80 -6.99 -3.78
C ILE A 159 -25.90 -6.66 -2.59
N VAL A 160 -26.30 -7.10 -1.40
CA VAL A 160 -25.53 -6.87 -0.17
C VAL A 160 -25.07 -8.24 0.31
N VAL A 161 -23.74 -8.44 0.35
CA VAL A 161 -23.10 -9.70 0.75
C VAL A 161 -22.42 -9.49 2.10
N VAL A 162 -22.90 -10.18 3.12
CA VAL A 162 -22.33 -10.11 4.47
C VAL A 162 -21.17 -11.11 4.61
N SER A 163 -19.99 -10.58 4.89
CA SER A 163 -18.76 -11.34 5.06
C SER A 163 -18.18 -11.08 6.44
N SER A 164 -16.85 -11.13 6.59
CA SER A 164 -16.15 -11.04 7.87
C SER A 164 -14.70 -10.62 7.64
N LEU A 165 -13.98 -10.32 8.73
CA LEU A 165 -12.53 -10.05 8.70
C LEU A 165 -11.85 -11.34 8.20
N ALA A 166 -12.37 -12.52 8.65
CA ALA A 166 -11.92 -13.86 8.24
C ALA A 166 -12.19 -14.16 6.74
N GLY A 167 -12.82 -13.22 6.05
CA GLY A 167 -13.05 -13.25 4.60
C GLY A 167 -12.08 -12.35 3.87
N LYS A 168 -11.16 -11.69 4.62
CA LYS A 168 -10.14 -10.79 4.06
C LYS A 168 -8.71 -11.12 4.52
N VAL A 169 -8.57 -11.59 5.76
CA VAL A 169 -7.28 -11.94 6.37
C VAL A 169 -7.39 -13.31 7.03
N ALA A 170 -6.23 -13.96 7.26
CA ALA A 170 -6.18 -15.29 7.85
C ALA A 170 -6.19 -15.30 9.36
N TYR A 171 -6.97 -16.22 9.94
CA TYR A 171 -7.10 -16.49 11.36
C TYR A 171 -7.18 -18.00 11.55
N PRO A 172 -6.59 -18.56 12.62
CA PRO A 172 -6.73 -20.01 12.85
C PRO A 172 -8.12 -20.35 13.39
N MET A 173 -8.50 -21.65 13.37
CA MET A 173 -9.74 -22.23 13.90
C MET A 173 -11.04 -21.88 13.13
N VAL A 174 -10.91 -21.26 11.94
CA VAL A 174 -12.04 -20.87 11.06
C VAL A 174 -11.75 -21.22 9.59
N ALA A 175 -10.93 -22.24 9.31
CA ALA A 175 -10.50 -22.61 7.94
C ALA A 175 -11.65 -22.74 6.93
N ALA A 176 -12.68 -23.59 7.22
CA ALA A 176 -13.83 -23.80 6.33
C ALA A 176 -14.63 -22.51 6.10
N TYR A 177 -14.91 -21.80 7.21
CA TYR A 177 -15.63 -20.55 7.28
C TYR A 177 -14.93 -19.47 6.46
N SER A 178 -13.61 -19.34 6.64
CA SER A 178 -12.74 -18.41 5.96
C SER A 178 -12.71 -18.67 4.44
N ALA A 179 -12.62 -19.96 4.05
CA ALA A 179 -12.64 -20.38 2.63
C ALA A 179 -13.91 -19.89 1.93
N SER A 180 -15.06 -20.07 2.58
CA SER A 180 -16.36 -19.67 2.06
C SER A 180 -16.51 -18.15 1.95
N LYS A 181 -15.98 -17.41 2.93
CA LYS A 181 -16.03 -15.95 2.96
C LYS A 181 -15.07 -15.33 1.96
N PHE A 182 -13.90 -15.96 1.74
CA PHE A 182 -12.93 -15.52 0.72
C PHE A 182 -13.53 -15.71 -0.68
N ALA A 183 -14.16 -16.89 -0.94
CA ALA A 183 -14.86 -17.24 -2.19
C ALA A 183 -15.91 -16.16 -2.57
N LEU A 184 -16.60 -15.60 -1.55
CA LEU A 184 -17.63 -14.58 -1.75
C LEU A 184 -16.99 -13.39 -2.39
N ASP A 185 -15.85 -12.97 -1.84
CA ASP A 185 -15.06 -11.86 -2.35
C ASP A 185 -14.61 -12.11 -3.80
N GLY A 186 -13.95 -13.23 -4.07
CA GLY A 186 -13.51 -13.59 -5.41
C GLY A 186 -14.63 -13.58 -6.43
N PHE A 187 -15.77 -14.19 -6.08
CA PHE A 187 -16.93 -14.24 -6.98
C PHE A 187 -17.60 -12.87 -7.18
N PHE A 188 -18.05 -12.22 -6.11
CA PHE A 188 -18.81 -10.98 -6.21
C PHE A 188 -17.97 -9.80 -6.73
N SER A 189 -16.65 -9.75 -6.42
CA SER A 189 -15.77 -8.69 -6.90
C SER A 189 -15.49 -8.84 -8.39
N SER A 190 -15.48 -10.08 -8.88
CA SER A 190 -15.27 -10.36 -10.30
C SER A 190 -16.49 -9.97 -11.14
N ILE A 191 -17.72 -10.27 -10.66
CA ILE A 191 -18.94 -9.90 -11.40
C ILE A 191 -19.18 -8.38 -11.33
N ARG A 192 -18.69 -7.71 -10.26
CA ARG A 192 -18.81 -6.26 -10.13
C ARG A 192 -18.04 -5.56 -11.26
N LYS A 193 -16.86 -6.10 -11.61
CA LYS A 193 -16.02 -5.64 -12.70
C LYS A 193 -16.73 -5.87 -14.02
N GLU A 194 -17.43 -7.01 -14.16
CA GLU A 194 -18.21 -7.37 -15.34
C GLU A 194 -19.38 -6.40 -15.54
N TYR A 195 -20.08 -6.05 -14.46
CA TYR A 195 -21.24 -5.13 -14.47
C TYR A 195 -20.81 -3.71 -14.87
N SER A 196 -19.61 -3.30 -14.46
CA SER A 196 -19.02 -2.00 -14.76
C SER A 196 -18.77 -1.86 -16.28
N VAL A 197 -18.22 -2.91 -16.93
CA VAL A 197 -17.93 -2.90 -18.36
C VAL A 197 -19.15 -3.23 -19.23
N SER A 198 -20.13 -4.00 -18.68
CA SER A 198 -21.35 -4.36 -19.40
C SER A 198 -22.46 -3.32 -19.21
N ARG A 199 -22.19 -2.27 -18.40
CA ARG A 199 -23.12 -1.18 -18.06
C ARG A 199 -24.37 -1.69 -17.30
N VAL A 200 -24.17 -2.68 -16.43
CA VAL A 200 -25.22 -3.27 -15.58
C VAL A 200 -25.21 -2.41 -14.31
N ASN A 201 -26.32 -1.69 -14.07
CA ASN A 201 -26.52 -0.78 -12.96
C ASN A 201 -27.03 -1.51 -11.71
N VAL A 202 -26.34 -2.60 -11.35
CA VAL A 202 -26.64 -3.37 -10.16
C VAL A 202 -25.41 -3.24 -9.28
N SER A 203 -25.58 -2.67 -8.07
CA SER A 203 -24.44 -2.52 -7.16
C SER A 203 -24.22 -3.76 -6.30
N ILE A 204 -22.97 -3.96 -5.87
CA ILE A 204 -22.55 -5.09 -5.04
C ILE A 204 -21.76 -4.54 -3.85
N THR A 205 -22.30 -4.74 -2.63
CA THR A 205 -21.70 -4.29 -1.39
C THR A 205 -21.18 -5.49 -0.59
N LEU A 206 -19.84 -5.57 -0.42
CA LEU A 206 -19.22 -6.63 0.39
C LEU A 206 -19.04 -6.05 1.80
N CYS A 207 -19.62 -6.69 2.82
CA CYS A 207 -19.53 -6.18 4.18
C CYS A 207 -18.52 -6.99 5.00
N VAL A 208 -17.39 -6.39 5.35
CA VAL A 208 -16.31 -7.03 6.11
C VAL A 208 -16.52 -6.65 7.59
N LEU A 209 -17.01 -7.60 8.40
CA LEU A 209 -17.33 -7.37 9.82
C LEU A 209 -16.39 -8.03 10.81
N GLY A 210 -16.16 -7.34 11.94
CA GLY A 210 -15.40 -7.85 13.06
C GLY A 210 -16.36 -8.52 14.03
N LEU A 211 -15.95 -8.72 15.29
CA LEU A 211 -16.81 -9.33 16.29
C LEU A 211 -18.08 -8.51 16.56
N ILE A 212 -19.24 -9.17 16.45
CA ILE A 212 -20.56 -8.56 16.68
C ILE A 212 -21.21 -9.28 17.85
N ASP A 213 -21.83 -8.52 18.78
CA ASP A 213 -22.42 -9.03 20.03
C ASP A 213 -23.72 -9.89 19.87
N THR A 214 -23.81 -10.69 18.79
CA THR A 214 -24.94 -11.60 18.59
C THR A 214 -24.74 -12.78 19.57
N GLU A 215 -25.84 -13.42 19.99
CA GLU A 215 -25.83 -14.54 20.92
C GLU A 215 -24.92 -15.68 20.48
N THR A 216 -24.94 -16.01 19.18
CA THR A 216 -24.12 -17.06 18.56
C THR A 216 -22.62 -16.75 18.70
N ALA A 217 -22.21 -15.56 18.25
CA ALA A 217 -20.81 -15.13 18.28
C ALA A 217 -20.24 -15.01 19.68
N MET A 218 -21.06 -14.56 20.64
CA MET A 218 -20.64 -14.42 22.05
C MET A 218 -20.40 -15.77 22.68
N LYS A 219 -21.25 -16.75 22.34
CA LYS A 219 -21.17 -18.14 22.82
C LYS A 219 -19.94 -18.82 22.23
N ALA A 220 -19.68 -18.59 20.94
CA ALA A 220 -18.53 -19.15 20.20
C ALA A 220 -17.15 -18.62 20.65
N VAL A 221 -17.05 -17.35 21.08
CA VAL A 221 -15.78 -16.72 21.49
C VAL A 221 -15.58 -16.70 23.03
N SER A 222 -16.52 -17.31 23.78
CA SER A 222 -16.46 -17.39 25.23
C SER A 222 -15.19 -18.09 25.72
N GLY A 223 -14.43 -17.36 26.54
CA GLY A 223 -13.19 -17.85 27.16
C GLY A 223 -11.98 -17.79 26.24
N ILE A 224 -11.98 -18.63 25.16
CA ILE A 224 -10.93 -18.79 24.13
C ILE A 224 -10.39 -17.45 23.62
N VAL A 225 -11.29 -16.61 23.05
CA VAL A 225 -10.95 -15.31 22.48
C VAL A 225 -11.11 -14.21 23.55
N HIS A 226 -10.29 -13.16 23.43
CA HIS A 226 -10.29 -11.99 24.32
C HIS A 226 -10.30 -10.70 23.47
N MET A 227 -11.48 -10.36 22.92
CA MET A 227 -11.63 -9.14 22.12
C MET A 227 -13.04 -8.52 22.22
N GLN A 228 -13.08 -7.21 21.97
CA GLN A 228 -14.26 -6.36 22.01
C GLN A 228 -15.24 -6.69 20.90
N ALA A 229 -16.53 -6.77 21.28
CA ALA A 229 -17.67 -7.01 20.42
C ALA A 229 -18.38 -5.71 20.13
N ALA A 230 -18.73 -5.48 18.85
CA ALA A 230 -19.43 -4.28 18.44
C ALA A 230 -20.97 -4.51 18.46
N PRO A 231 -21.82 -3.48 18.74
CA PRO A 231 -23.27 -3.72 18.80
C PRO A 231 -23.94 -4.13 17.48
N LYS A 232 -24.75 -5.19 17.52
CA LYS A 232 -25.49 -5.76 16.38
C LYS A 232 -26.46 -4.77 15.70
N GLU A 233 -27.04 -3.86 16.49
CA GLU A 233 -28.00 -2.85 16.03
C GLU A 233 -27.36 -1.88 15.03
N GLU A 234 -26.23 -1.26 15.42
CA GLU A 234 -25.47 -0.32 14.58
C GLU A 234 -24.86 -1.06 13.37
N CYS A 235 -24.37 -2.30 13.58
CA CYS A 235 -23.79 -3.14 12.53
C CYS A 235 -24.80 -3.31 11.39
N ALA A 236 -26.03 -3.74 11.74
CA ALA A 236 -27.15 -3.95 10.81
C ALA A 236 -27.48 -2.69 10.05
N LEU A 237 -27.42 -1.51 10.72
CA LEU A 237 -27.66 -0.20 10.13
C LEU A 237 -26.55 0.16 9.14
N GLU A 238 -25.28 -0.04 9.52
CA GLU A 238 -24.12 0.21 8.65
C GLU A 238 -24.18 -0.60 7.35
N ILE A 239 -24.63 -1.87 7.43
CA ILE A 239 -24.80 -2.75 6.27
C ILE A 239 -25.85 -2.16 5.32
N ILE A 240 -27.01 -1.72 5.87
CA ILE A 240 -28.11 -1.10 5.11
C ILE A 240 -27.61 0.17 4.42
N LYS A 241 -26.89 1.03 5.17
CA LYS A 241 -26.30 2.30 4.69
C LYS A 241 -25.46 2.08 3.43
N GLY A 242 -24.50 1.14 3.48
CA GLY A 242 -23.61 0.83 2.37
C GLY A 242 -24.33 0.39 1.11
N GLY A 243 -25.31 -0.51 1.27
CA GLY A 243 -26.15 -1.00 0.18
C GLY A 243 -26.94 0.14 -0.45
N ALA A 244 -27.52 1.02 0.41
CA ALA A 244 -28.30 2.19 0.01
C ALA A 244 -27.40 3.20 -0.74
N LEU A 245 -26.17 3.44 -0.25
CA LEU A 245 -25.21 4.35 -0.87
C LEU A 245 -24.45 3.73 -2.06
N ARG A 246 -24.67 2.41 -2.31
CA ARG A 246 -24.07 1.64 -3.42
C ARG A 246 -22.54 1.57 -3.28
N GLN A 247 -22.09 1.52 -2.00
CA GLN A 247 -20.68 1.42 -1.63
C GLN A 247 -20.21 0.01 -2.01
N GLU A 248 -19.03 -0.09 -2.59
CA GLU A 248 -18.45 -1.36 -2.99
C GLU A 248 -18.18 -2.24 -1.77
N GLU A 249 -17.73 -1.62 -0.67
CA GLU A 249 -17.38 -2.31 0.57
C GLU A 249 -17.76 -1.50 1.81
N VAL A 250 -18.11 -2.22 2.89
CA VAL A 250 -18.46 -1.66 4.19
C VAL A 250 -17.54 -2.34 5.21
N TYR A 251 -17.02 -1.56 6.15
CA TYR A 251 -16.16 -2.10 7.20
C TYR A 251 -16.72 -1.68 8.54
N TYR A 252 -16.94 -2.65 9.41
CA TYR A 252 -17.47 -2.41 10.73
C TYR A 252 -16.79 -3.29 11.77
N ASP A 253 -16.02 -2.65 12.68
CA ASP A 253 -15.27 -3.28 13.78
C ASP A 253 -15.12 -2.32 14.95
N SER A 254 -15.01 -2.88 16.16
CA SER A 254 -14.82 -2.17 17.44
C SER A 254 -13.52 -1.36 17.48
N SER A 255 -12.42 -1.95 16.96
CA SER A 255 -11.07 -1.39 16.94
C SER A 255 -10.84 -0.44 15.76
N ARG A 256 -10.24 0.71 16.05
CA ARG A 256 -9.91 1.72 15.04
C ARG A 256 -8.63 1.32 14.29
N TRP A 257 -7.78 0.46 14.91
CA TRP A 257 -6.57 -0.08 14.28
C TRP A 257 -6.97 -1.05 13.17
N THR A 258 -7.99 -1.90 13.45
CA THR A 258 -8.54 -2.88 12.54
C THR A 258 -9.18 -2.21 11.32
N THR A 259 -10.09 -1.23 11.54
CA THR A 259 -10.79 -0.49 10.46
C THR A 259 -9.81 0.20 9.50
N LEU A 260 -8.65 0.67 10.02
CA LEU A 260 -7.62 1.38 9.25
C LEU A 260 -6.73 0.43 8.43
N LEU A 261 -6.45 -0.78 8.95
CA LEU A 261 -5.61 -1.80 8.32
C LEU A 261 -6.34 -2.78 7.38
N ILE A 262 -7.68 -2.84 7.46
CA ILE A 262 -8.51 -3.77 6.69
C ILE A 262 -8.56 -3.42 5.18
N ARG A 263 -8.43 -2.12 4.82
CA ARG A 263 -8.40 -1.64 3.44
C ARG A 263 -7.12 -2.07 2.71
N ASN A 264 -7.26 -2.47 1.42
CA ASN A 264 -6.15 -2.85 0.56
C ASN A 264 -6.10 -1.89 -0.63
N PRO A 265 -5.44 -0.73 -0.44
CA PRO A 265 -5.37 0.29 -1.52
C PRO A 265 -4.58 -0.17 -2.73
N CYS A 266 -3.57 -1.03 -2.52
CA CYS A 266 -2.72 -1.61 -3.57
C CYS A 266 -3.54 -2.53 -4.48
N ARG A 267 -4.55 -3.23 -3.91
CA ARG A 267 -5.45 -4.12 -4.64
C ARG A 267 -6.27 -3.31 -5.66
N LYS A 268 -6.84 -2.16 -5.22
CA LYS A 268 -7.64 -1.29 -6.07
C LYS A 268 -6.82 -0.65 -7.22
N ILE A 269 -5.52 -0.42 -6.97
CA ILE A 269 -4.58 0.14 -7.94
C ILE A 269 -4.24 -0.90 -9.02
N LEU A 270 -3.94 -2.15 -8.60
CA LEU A 270 -3.63 -3.28 -9.51
C LEU A 270 -4.78 -3.53 -10.48
N GLU A 271 -6.04 -3.52 -9.96
CA GLU A 271 -7.27 -3.71 -10.72
C GLU A 271 -7.46 -2.62 -11.77
N GLU A 272 -7.20 -1.35 -11.39
CA GLU A 272 -7.29 -0.18 -12.27
C GLU A 272 -6.19 -0.21 -13.34
N LEU A 273 -5.01 -0.77 -13.00
CA LEU A 273 -3.88 -0.92 -13.93
C LEU A 273 -4.14 -2.00 -14.96
N TYR A 274 -4.81 -3.10 -14.53
CA TYR A 274 -5.16 -4.24 -15.37
C TYR A 274 -6.43 -4.04 -16.21
N SER A 275 -7.23 -2.98 -15.92
CA SER A 275 -8.47 -2.65 -16.65
C SER A 275 -8.22 -2.17 -18.11
N THR A 276 -6.94 -1.93 -18.46
CA THR A 276 -6.50 -1.51 -19.78
C THR A 276 -5.79 -2.68 -20.54
N SER A 277 -6.18 -3.94 -20.22
CA SER A 277 -5.60 -5.15 -20.81
C SER A 277 -6.60 -5.99 -21.62
N TYR A 278 -7.90 -5.94 -21.26
CA TYR A 278 -8.96 -6.71 -21.94
C TYR A 278 -9.86 -5.86 -22.86
N ASN A 279 -10.59 -6.57 -23.76
CA ASN A 279 -11.59 -6.06 -24.70
C ASN A 279 -12.88 -6.90 -24.52
N MET A 280 -14.04 -6.23 -24.46
CA MET A 280 -15.34 -6.90 -24.30
C MET A 280 -16.39 -6.41 -25.31
N ASP A 281 -16.07 -5.31 -26.03
CA ASP A 281 -16.92 -4.70 -27.04
C ASP A 281 -17.09 -5.59 -28.29
N SER B 6 23.45 -45.18 1.94
CA SER B 6 23.07 -45.89 3.17
C SER B 6 23.95 -45.52 4.38
N MET B 7 25.28 -45.85 4.33
CA MET B 7 26.30 -45.58 5.39
C MET B 7 26.69 -44.10 5.36
N THR B 8 25.68 -43.24 5.38
CA THR B 8 25.79 -41.80 5.27
C THR B 8 24.55 -41.15 5.86
N GLY B 9 24.74 -39.94 6.36
CA GLY B 9 23.67 -39.12 6.90
C GLY B 9 24.05 -37.65 6.87
N GLY B 10 23.09 -36.79 7.15
CA GLY B 10 23.32 -35.35 7.18
C GLY B 10 22.16 -34.48 6.78
N GLN B 11 22.43 -33.19 6.63
CA GLN B 11 21.41 -32.20 6.34
C GLN B 11 21.79 -31.19 5.26
N GLN B 12 20.93 -31.08 4.23
CA GLN B 12 21.04 -30.11 3.15
C GLN B 12 20.67 -28.70 3.66
N MET B 13 19.75 -28.64 4.63
CA MET B 13 19.22 -27.39 5.19
C MET B 13 20.01 -26.86 6.40
N GLY B 14 21.07 -26.12 6.10
CA GLY B 14 21.92 -25.47 7.09
C GLY B 14 21.76 -23.96 7.02
N ARG B 15 22.85 -23.20 7.23
CA ARG B 15 22.85 -21.75 7.17
C ARG B 15 22.66 -21.25 5.74
N GLY B 16 21.68 -20.37 5.57
CA GLY B 16 21.32 -19.74 4.28
C GLY B 16 20.23 -20.47 3.52
N SER B 17 19.91 -21.72 3.91
CA SER B 17 18.92 -22.59 3.27
C SER B 17 17.43 -22.11 3.39
N ASN B 18 17.18 -20.97 4.04
CA ASN B 18 15.82 -20.41 4.16
C ASN B 18 15.71 -19.21 3.18
N GLU B 19 16.85 -18.87 2.52
CA GLU B 19 16.98 -17.74 1.60
C GLU B 19 17.50 -18.11 0.20
N GLU B 20 18.56 -18.94 0.11
CA GLU B 20 19.16 -19.29 -1.19
C GLU B 20 18.93 -20.75 -1.58
N PHE B 21 18.22 -20.95 -2.68
CA PHE B 21 17.87 -22.26 -3.22
C PHE B 21 19.06 -22.96 -3.90
N ARG B 22 19.07 -24.29 -3.77
CA ARG B 22 20.03 -25.14 -4.46
C ARG B 22 19.29 -26.39 -4.93
N PRO B 23 19.48 -26.79 -6.21
CA PRO B 23 18.75 -27.97 -6.73
C PRO B 23 18.89 -29.26 -5.93
N GLU B 24 19.99 -29.40 -5.16
CA GLU B 24 20.29 -30.57 -4.31
C GLU B 24 19.31 -30.73 -3.14
N MET B 25 18.56 -29.66 -2.80
CA MET B 25 17.52 -29.67 -1.76
C MET B 25 16.37 -30.63 -2.11
N LEU B 26 16.21 -30.95 -3.44
CA LEU B 26 15.17 -31.84 -3.97
C LEU B 26 15.67 -33.24 -4.31
N GLN B 27 17.00 -33.45 -4.25
CA GLN B 27 17.66 -34.75 -4.49
C GLN B 27 17.15 -35.79 -3.48
N GLY B 28 16.53 -36.84 -4.02
CA GLY B 28 15.96 -37.94 -3.22
C GLY B 28 14.62 -37.65 -2.56
N LYS B 29 14.05 -36.44 -2.77
CA LYS B 29 12.77 -36.04 -2.18
C LYS B 29 11.61 -36.72 -2.87
N LYS B 30 10.56 -37.06 -2.11
CA LYS B 30 9.38 -37.75 -2.62
C LYS B 30 8.29 -36.73 -2.87
N VAL B 31 8.03 -36.46 -4.17
CA VAL B 31 7.10 -35.40 -4.57
C VAL B 31 5.93 -35.87 -5.42
N ILE B 32 4.73 -35.36 -5.09
CA ILE B 32 3.50 -35.53 -5.87
C ILE B 32 3.33 -34.21 -6.67
N VAL B 33 2.96 -34.31 -7.96
CA VAL B 33 2.61 -33.16 -8.78
C VAL B 33 1.25 -33.46 -9.42
N THR B 34 0.22 -32.64 -9.14
CA THR B 34 -1.10 -32.83 -9.73
C THR B 34 -1.17 -32.00 -11.00
N GLY B 35 -2.06 -32.38 -11.92
CA GLY B 35 -2.20 -31.77 -13.23
C GLY B 35 -0.86 -31.63 -13.91
N ALA B 36 -0.10 -32.75 -13.97
CA ALA B 36 1.26 -32.73 -14.48
C ALA B 36 1.43 -33.34 -15.87
N SER B 37 0.34 -33.48 -16.63
CA SER B 37 0.40 -34.00 -18.00
C SER B 37 0.79 -32.90 -19.00
N LYS B 38 0.58 -31.63 -18.63
CA LYS B 38 0.93 -30.50 -19.48
C LYS B 38 1.12 -29.25 -18.63
N GLY B 39 1.40 -28.12 -19.30
CA GLY B 39 1.58 -26.81 -18.71
C GLY B 39 2.62 -26.74 -17.64
N ILE B 40 2.34 -25.95 -16.58
CA ILE B 40 3.25 -25.71 -15.45
C ILE B 40 3.55 -26.98 -14.72
N GLY B 41 2.53 -27.83 -14.50
CA GLY B 41 2.64 -29.11 -13.81
C GLY B 41 3.67 -30.03 -14.43
N ARG B 42 3.64 -30.15 -15.77
CA ARG B 42 4.60 -30.95 -16.53
C ARG B 42 6.02 -30.38 -16.34
N GLU B 43 6.15 -29.03 -16.41
CA GLU B 43 7.42 -28.35 -16.23
C GLU B 43 8.02 -28.58 -14.84
N MET B 44 7.16 -28.66 -13.83
CA MET B 44 7.58 -28.92 -12.45
C MET B 44 8.16 -30.30 -12.29
N ALA B 45 7.48 -31.32 -12.90
CA ALA B 45 7.91 -32.72 -12.94
C ALA B 45 9.30 -32.83 -13.60
N TYR B 46 9.52 -32.09 -14.73
CA TYR B 46 10.77 -32.05 -15.49
C TYR B 46 11.91 -31.47 -14.65
N HIS B 47 11.68 -30.35 -13.94
CA HIS B 47 12.70 -29.74 -13.07
C HIS B 47 13.04 -30.69 -11.90
N LEU B 48 12.00 -31.28 -11.25
CA LEU B 48 12.18 -32.20 -10.13
C LEU B 48 12.99 -33.44 -10.54
N ALA B 49 12.73 -33.96 -11.77
CA ALA B 49 13.42 -35.07 -12.38
C ALA B 49 14.93 -34.75 -12.52
N LYS B 50 15.24 -33.57 -13.08
CA LYS B 50 16.60 -33.05 -13.25
C LYS B 50 17.32 -32.96 -11.90
N MET B 51 16.57 -32.62 -10.82
CA MET B 51 17.04 -32.50 -9.44
C MET B 51 17.26 -33.85 -8.73
N GLY B 52 16.81 -34.93 -9.36
CA GLY B 52 16.98 -36.29 -8.83
C GLY B 52 15.97 -36.64 -7.76
N ALA B 53 14.75 -36.07 -7.88
CA ALA B 53 13.67 -36.37 -6.94
C ALA B 53 12.90 -37.58 -7.42
N HIS B 54 12.17 -38.21 -6.50
CA HIS B 54 11.24 -39.29 -6.80
C HIS B 54 9.94 -38.53 -7.12
N VAL B 55 9.31 -38.86 -8.24
CA VAL B 55 8.09 -38.15 -8.63
C VAL B 55 6.94 -39.08 -8.88
N VAL B 56 5.73 -38.62 -8.54
CA VAL B 56 4.45 -39.26 -8.84
C VAL B 56 3.57 -38.17 -9.47
N VAL B 57 3.31 -38.32 -10.78
CA VAL B 57 2.51 -37.38 -11.54
C VAL B 57 1.08 -37.87 -11.66
N THR B 58 0.11 -36.94 -11.72
CA THR B 58 -1.28 -37.29 -11.91
C THR B 58 -1.98 -36.26 -12.77
N ALA B 59 -3.01 -36.74 -13.47
CA ALA B 59 -3.91 -36.05 -14.38
C ALA B 59 -4.84 -37.17 -14.88
N ARG B 60 -5.80 -36.86 -15.74
CA ARG B 60 -6.75 -37.87 -16.24
C ARG B 60 -6.20 -38.74 -17.36
N SER B 61 -5.38 -38.15 -18.26
CA SER B 61 -4.82 -38.80 -19.46
C SER B 61 -3.61 -39.69 -19.17
N LYS B 62 -3.84 -41.00 -19.20
CA LYS B 62 -2.87 -42.08 -19.02
C LYS B 62 -1.73 -41.94 -20.07
N GLU B 63 -2.11 -41.77 -21.35
CA GLU B 63 -1.24 -41.64 -22.51
C GLU B 63 -0.25 -40.45 -22.41
N THR B 64 -0.75 -39.27 -22.03
CA THR B 64 0.08 -38.07 -21.89
C THR B 64 0.99 -38.20 -20.63
N LEU B 65 0.46 -38.77 -19.53
CA LEU B 65 1.21 -39.00 -18.28
C LEU B 65 2.39 -39.95 -18.51
N GLN B 66 2.19 -41.00 -19.34
CA GLN B 66 3.23 -41.98 -19.72
C GLN B 66 4.43 -41.27 -20.37
N LYS B 67 4.16 -40.33 -21.29
CA LYS B 67 5.17 -39.53 -21.99
C LYS B 67 5.99 -38.66 -21.01
N VAL B 68 5.30 -38.03 -20.06
CA VAL B 68 5.90 -37.18 -19.01
C VAL B 68 6.82 -38.02 -18.12
N VAL B 69 6.35 -39.21 -17.69
CA VAL B 69 7.10 -40.17 -16.87
C VAL B 69 8.41 -40.58 -17.59
N SER B 70 8.31 -40.91 -18.88
CA SER B 70 9.46 -41.31 -19.71
C SER B 70 10.52 -40.19 -19.76
N HIS B 71 10.12 -38.93 -20.11
CA HIS B 71 11.02 -37.76 -20.17
C HIS B 71 11.69 -37.48 -18.80
N CYS B 72 10.95 -37.67 -17.66
CA CYS B 72 11.46 -37.51 -16.28
C CYS B 72 12.59 -38.49 -15.99
N LEU B 73 12.41 -39.77 -16.34
CA LEU B 73 13.42 -40.82 -16.16
C LEU B 73 14.68 -40.48 -16.96
N GLU B 74 14.53 -39.99 -18.19
CA GLU B 74 15.62 -39.56 -19.07
C GLU B 74 16.41 -38.39 -18.43
N LEU B 75 15.71 -37.44 -17.75
CA LEU B 75 16.33 -36.27 -17.11
C LEU B 75 17.10 -36.60 -15.82
N GLY B 76 16.91 -37.79 -15.28
CA GLY B 76 17.61 -38.25 -14.08
C GLY B 76 16.78 -38.33 -12.82
N ALA B 77 15.47 -38.62 -12.95
CA ALA B 77 14.59 -38.77 -11.79
C ALA B 77 14.97 -40.08 -11.09
N ALA B 78 15.07 -40.03 -9.75
CA ALA B 78 15.42 -41.20 -8.93
C ALA B 78 14.40 -42.34 -9.13
N SER B 79 13.12 -41.97 -9.40
CA SER B 79 12.00 -42.83 -9.77
C SER B 79 10.89 -41.94 -10.33
N ALA B 80 10.06 -42.46 -11.25
CA ALA B 80 8.98 -41.70 -11.85
C ALA B 80 7.81 -42.62 -12.15
N HIS B 81 6.64 -42.27 -11.61
CA HIS B 81 5.40 -43.02 -11.78
C HIS B 81 4.24 -42.08 -12.06
N TYR B 82 3.18 -42.61 -12.64
CA TYR B 82 1.93 -41.88 -12.84
C TYR B 82 0.77 -42.73 -12.32
N ILE B 83 -0.32 -42.06 -11.91
CA ILE B 83 -1.60 -42.66 -11.55
C ILE B 83 -2.63 -41.75 -12.20
N ALA B 84 -3.40 -42.27 -13.16
CA ALA B 84 -4.40 -41.50 -13.87
C ALA B 84 -5.75 -41.51 -13.16
N GLY B 85 -6.44 -40.39 -13.23
CA GLY B 85 -7.78 -40.24 -12.68
C GLY B 85 -8.24 -38.80 -12.63
N THR B 86 -9.54 -38.62 -12.37
CA THR B 86 -10.20 -37.34 -12.26
C THR B 86 -10.28 -36.85 -10.79
N MET B 87 -9.98 -35.57 -10.60
CA MET B 87 -10.04 -34.90 -9.30
C MET B 87 -11.46 -34.44 -8.94
N GLU B 88 -12.45 -34.73 -9.82
CA GLU B 88 -13.88 -34.51 -9.56
C GLU B 88 -14.33 -35.61 -8.56
N ASP B 89 -13.59 -36.73 -8.54
CA ASP B 89 -13.83 -37.88 -7.67
C ASP B 89 -12.97 -37.76 -6.40
N MET B 90 -13.64 -37.50 -5.27
CA MET B 90 -12.98 -37.35 -3.97
C MET B 90 -12.38 -38.66 -3.46
N THR B 91 -12.98 -39.80 -3.87
CA THR B 91 -12.48 -41.15 -3.53
C THR B 91 -11.13 -41.36 -4.23
N PHE B 92 -11.04 -41.04 -5.55
CA PHE B 92 -9.80 -41.15 -6.32
C PHE B 92 -8.71 -40.27 -5.70
N ALA B 93 -9.03 -38.99 -5.35
CA ALA B 93 -8.10 -38.05 -4.72
C ALA B 93 -7.49 -38.62 -3.43
N GLU B 94 -8.35 -39.18 -2.56
CA GLU B 94 -7.90 -39.79 -1.30
C GLU B 94 -7.01 -41.02 -1.54
N GLN B 95 -7.44 -41.92 -2.42
CA GLN B 95 -6.70 -43.15 -2.72
C GLN B 95 -5.40 -42.91 -3.47
N PHE B 96 -5.38 -41.89 -4.37
CA PHE B 96 -4.19 -41.50 -5.14
C PHE B 96 -2.99 -41.24 -4.20
N VAL B 97 -3.20 -40.45 -3.15
CA VAL B 97 -2.17 -40.09 -2.16
C VAL B 97 -1.58 -41.33 -1.48
N ALA B 98 -2.45 -42.26 -1.04
CA ALA B 98 -2.04 -43.53 -0.42
C ALA B 98 -1.18 -44.34 -1.39
N GLN B 99 -1.62 -44.49 -2.66
CA GLN B 99 -0.90 -45.23 -3.71
C GLN B 99 0.45 -44.58 -4.04
N ALA B 100 0.48 -43.24 -4.18
CA ALA B 100 1.69 -42.47 -4.47
C ALA B 100 2.71 -42.62 -3.34
N GLY B 101 2.23 -42.53 -2.10
CA GLY B 101 3.04 -42.72 -0.90
C GLY B 101 3.61 -44.12 -0.79
N LYS B 102 2.85 -45.13 -1.23
CA LYS B 102 3.28 -46.53 -1.21
C LYS B 102 4.36 -46.75 -2.31
N LEU B 103 4.17 -46.14 -3.50
CA LEU B 103 5.13 -46.23 -4.59
C LEU B 103 6.50 -45.61 -4.23
N MET B 104 6.50 -44.49 -3.48
CA MET B 104 7.71 -43.76 -3.09
C MET B 104 8.26 -44.09 -1.69
N GLY B 105 7.45 -44.73 -0.85
CA GLY B 105 7.82 -45.05 0.52
C GLY B 105 7.80 -43.84 1.44
N GLY B 106 6.83 -42.95 1.23
CA GLY B 106 6.67 -41.71 1.97
C GLY B 106 6.38 -40.51 1.08
N LEU B 107 6.32 -39.30 1.69
CA LEU B 107 6.03 -38.08 0.97
C LEU B 107 6.66 -36.88 1.61
N ASP B 108 7.42 -36.09 0.80
CA ASP B 108 8.09 -34.88 1.26
C ASP B 108 7.39 -33.63 0.78
N MET B 109 6.87 -33.65 -0.45
CA MET B 109 6.23 -32.47 -1.00
C MET B 109 5.00 -32.82 -1.77
N LEU B 110 3.91 -32.07 -1.52
CA LEU B 110 2.63 -32.25 -2.21
C LEU B 110 2.38 -30.97 -3.02
N ILE B 111 2.45 -31.06 -4.36
CA ILE B 111 2.22 -29.92 -5.24
C ILE B 111 0.82 -30.00 -5.84
N LEU B 112 -0.07 -29.11 -5.37
CA LEU B 112 -1.49 -29.02 -5.76
C LEU B 112 -1.59 -28.00 -6.89
N ASN B 113 -1.71 -28.52 -8.13
CA ASN B 113 -1.63 -27.70 -9.34
C ASN B 113 -2.81 -27.80 -10.32
N HIS B 114 -3.50 -28.93 -10.38
CA HIS B 114 -4.61 -29.14 -11.32
C HIS B 114 -5.78 -28.14 -11.10
N ILE B 115 -6.56 -27.92 -12.15
CA ILE B 115 -7.77 -27.09 -12.15
C ILE B 115 -8.70 -27.72 -13.17
N THR B 116 -9.99 -27.31 -13.15
CA THR B 116 -10.96 -27.79 -14.13
C THR B 116 -10.77 -26.91 -15.38
N ASN B 117 -11.11 -27.42 -16.58
CA ASN B 117 -11.05 -26.62 -17.82
C ASN B 117 -11.92 -25.37 -17.65
N THR B 118 -11.35 -24.21 -17.96
CA THR B 118 -12.05 -22.94 -17.77
C THR B 118 -11.72 -21.98 -18.90
N SER B 119 -12.64 -21.06 -19.17
CA SER B 119 -12.49 -20.07 -20.21
C SER B 119 -12.82 -18.66 -19.70
N LEU B 120 -12.55 -17.66 -20.54
CA LEU B 120 -12.85 -16.28 -20.22
C LEU B 120 -14.24 -16.00 -20.77
N ASN B 121 -15.22 -15.95 -19.88
CA ASN B 121 -16.60 -15.63 -20.24
C ASN B 121 -17.27 -14.91 -19.09
N LEU B 122 -18.20 -14.02 -19.44
CA LEU B 122 -19.02 -13.29 -18.49
C LEU B 122 -19.88 -14.31 -17.78
N PHE B 123 -20.13 -14.08 -16.47
CA PHE B 123 -21.00 -14.91 -15.65
C PHE B 123 -22.32 -15.00 -16.38
N HIS B 124 -22.81 -16.22 -16.52
CA HIS B 124 -24.03 -16.51 -17.26
C HIS B 124 -24.85 -17.61 -16.61
N ASP B 125 -24.87 -17.62 -15.28
CA ASP B 125 -25.67 -18.53 -14.45
C ASP B 125 -25.34 -20.00 -14.71
N ASP B 126 -24.12 -20.28 -15.24
CA ASP B 126 -23.50 -21.58 -15.52
C ASP B 126 -23.19 -22.11 -14.04
N ILE B 127 -24.23 -22.70 -13.35
CA ILE B 127 -24.13 -23.23 -11.97
C ILE B 127 -23.24 -24.47 -11.90
N HIS B 128 -23.28 -25.28 -12.94
CA HIS B 128 -22.47 -26.48 -13.07
C HIS B 128 -20.98 -26.11 -13.13
N HIS B 129 -20.66 -24.97 -13.79
CA HIS B 129 -19.30 -24.50 -13.85
C HIS B 129 -18.85 -23.91 -12.52
N VAL B 130 -19.76 -23.22 -11.77
CA VAL B 130 -19.49 -22.68 -10.42
C VAL B 130 -19.16 -23.81 -9.45
N ARG B 131 -20.00 -24.87 -9.44
CA ARG B 131 -19.85 -26.05 -8.59
C ARG B 131 -18.59 -26.87 -8.92
N LYS B 132 -18.37 -27.19 -10.21
CA LYS B 132 -17.23 -27.99 -10.65
C LYS B 132 -15.90 -27.27 -10.33
N SER B 133 -15.88 -25.92 -10.48
CA SER B 133 -14.78 -25.06 -10.09
C SER B 133 -14.47 -25.18 -8.60
N MET B 134 -15.48 -25.11 -7.75
CA MET B 134 -15.25 -25.22 -6.31
C MET B 134 -14.76 -26.62 -5.92
N GLU B 135 -15.33 -27.66 -6.54
CA GLU B 135 -15.01 -29.07 -6.33
C GLU B 135 -13.60 -29.44 -6.75
N VAL B 136 -13.26 -29.24 -8.03
CA VAL B 136 -11.95 -29.61 -8.56
C VAL B 136 -10.88 -28.63 -8.06
N ASN B 137 -11.09 -27.32 -8.23
CA ASN B 137 -10.05 -26.35 -7.88
C ASN B 137 -9.79 -26.16 -6.38
N PHE B 138 -10.80 -26.38 -5.55
CA PHE B 138 -10.64 -26.17 -4.11
C PHE B 138 -10.84 -27.45 -3.25
N LEU B 139 -12.04 -28.05 -3.26
CA LEU B 139 -12.38 -29.21 -2.41
C LEU B 139 -11.43 -30.42 -2.58
N SER B 140 -10.97 -30.73 -3.83
CA SER B 140 -10.00 -31.83 -4.02
C SER B 140 -8.65 -31.53 -3.39
N TYR B 141 -8.25 -30.25 -3.36
CA TYR B 141 -6.99 -29.82 -2.73
C TYR B 141 -7.10 -30.08 -1.23
N VAL B 142 -8.30 -29.88 -0.64
CA VAL B 142 -8.56 -30.13 0.78
C VAL B 142 -8.46 -31.64 1.07
N VAL B 143 -9.10 -32.50 0.24
CA VAL B 143 -9.10 -33.97 0.39
C VAL B 143 -7.66 -34.51 0.23
N LEU B 144 -6.92 -34.02 -0.80
CA LEU B 144 -5.52 -34.41 -1.03
C LEU B 144 -4.63 -34.02 0.16
N THR B 145 -4.88 -32.84 0.77
CA THR B 145 -4.17 -32.37 1.97
C THR B 145 -4.42 -33.30 3.17
N VAL B 146 -5.70 -33.61 3.47
CA VAL B 146 -6.15 -34.50 4.55
C VAL B 146 -5.47 -35.87 4.42
N ALA B 147 -5.50 -36.44 3.18
CA ALA B 147 -4.88 -37.74 2.88
C ALA B 147 -3.36 -37.71 3.04
N ALA B 148 -2.69 -36.64 2.58
CA ALA B 148 -1.22 -36.48 2.61
C ALA B 148 -0.59 -36.13 3.96
N LEU B 149 -1.32 -35.37 4.82
CA LEU B 149 -0.85 -34.84 6.10
C LEU B 149 -0.11 -35.85 7.00
N PRO B 150 -0.62 -37.08 7.33
CA PRO B 150 0.19 -37.99 8.16
C PRO B 150 1.64 -38.20 7.64
N MET B 151 1.83 -38.49 6.34
CA MET B 151 3.16 -38.67 5.76
C MET B 151 4.01 -37.40 5.78
N LEU B 152 3.36 -36.22 5.60
CA LEU B 152 4.03 -34.92 5.62
C LEU B 152 4.48 -34.56 7.00
N LYS B 153 3.69 -34.95 8.01
CA LYS B 153 4.05 -34.74 9.43
C LYS B 153 5.30 -35.54 9.78
N GLN B 154 5.42 -36.76 9.23
CA GLN B 154 6.53 -37.70 9.41
C GLN B 154 7.86 -37.17 8.86
N SER B 155 7.82 -36.58 7.65
CA SER B 155 8.96 -36.05 6.91
C SER B 155 9.23 -34.55 7.12
N ASN B 156 8.36 -33.85 7.89
CA ASN B 156 8.38 -32.39 8.10
C ASN B 156 8.32 -31.75 6.68
N GLY B 157 7.36 -32.25 5.92
CA GLY B 157 7.11 -31.93 4.52
C GLY B 157 6.42 -30.61 4.21
N SER B 158 6.15 -30.41 2.92
CA SER B 158 5.63 -29.18 2.33
C SER B 158 4.41 -29.39 1.50
N ILE B 159 3.47 -28.42 1.57
CA ILE B 159 2.29 -28.34 0.72
C ILE B 159 2.46 -27.11 -0.18
N VAL B 160 2.39 -27.32 -1.50
CA VAL B 160 2.53 -26.23 -2.46
C VAL B 160 1.19 -26.10 -3.17
N VAL B 161 0.54 -24.94 -3.02
CA VAL B 161 -0.77 -24.62 -3.59
C VAL B 161 -0.60 -23.59 -4.71
N VAL B 162 -0.91 -23.99 -5.95
CA VAL B 162 -0.82 -23.11 -7.11
C VAL B 162 -2.15 -22.33 -7.25
N SER B 163 -2.03 -21.00 -7.17
CA SER B 163 -3.14 -20.06 -7.25
C SER B 163 -2.85 -19.06 -8.37
N SER B 164 -3.58 -17.94 -8.44
CA SER B 164 -3.44 -16.97 -9.51
C SER B 164 -3.50 -15.54 -8.96
N LEU B 165 -3.26 -14.54 -9.84
CA LEU B 165 -3.47 -13.14 -9.47
C LEU B 165 -4.99 -13.00 -9.18
N ALA B 166 -5.82 -13.72 -9.97
CA ALA B 166 -7.28 -13.80 -9.84
C ALA B 166 -7.70 -14.45 -8.51
N GLY B 167 -6.72 -14.97 -7.75
CA GLY B 167 -6.90 -15.53 -6.41
C GLY B 167 -6.52 -14.54 -5.32
N LYS B 168 -6.14 -13.31 -5.72
CA LYS B 168 -5.75 -12.20 -4.81
C LYS B 168 -6.49 -10.91 -5.09
N VAL B 169 -6.76 -10.63 -6.37
CA VAL B 169 -7.45 -9.42 -6.81
C VAL B 169 -8.56 -9.80 -7.81
N ALA B 170 -9.52 -8.87 -8.01
CA ALA B 170 -10.65 -9.06 -8.90
C ALA B 170 -10.37 -8.73 -10.36
N TYR B 171 -10.84 -9.62 -11.25
CA TYR B 171 -10.77 -9.48 -12.70
C TYR B 171 -12.09 -9.96 -13.28
N PRO B 172 -12.56 -9.35 -14.39
CA PRO B 172 -13.79 -9.83 -15.00
C PRO B 172 -13.54 -11.12 -15.80
N MET B 173 -14.64 -11.86 -16.12
CA MET B 173 -14.67 -13.07 -16.94
C MET B 173 -14.09 -14.34 -16.29
N VAL B 174 -13.79 -14.29 -15.00
CA VAL B 174 -13.22 -15.41 -14.23
C VAL B 174 -13.88 -15.56 -12.84
N ALA B 175 -15.16 -15.15 -12.67
CA ALA B 175 -15.90 -15.22 -11.41
C ALA B 175 -15.78 -16.54 -10.64
N ALA B 176 -16.16 -17.69 -11.24
CA ALA B 176 -16.14 -18.99 -10.55
C ALA B 176 -14.70 -19.45 -10.26
N TYR B 177 -13.82 -19.23 -11.25
CA TYR B 177 -12.40 -19.53 -11.14
C TYR B 177 -11.76 -18.75 -9.99
N SER B 178 -12.08 -17.48 -9.90
CA SER B 178 -11.59 -16.54 -8.89
C SER B 178 -12.09 -16.93 -7.49
N ALA B 179 -13.37 -17.31 -7.39
CA ALA B 179 -13.98 -17.79 -6.14
C ALA B 179 -13.21 -19.00 -5.59
N SER B 180 -12.92 -19.99 -6.45
CA SER B 180 -12.17 -21.21 -6.14
C SER B 180 -10.71 -20.90 -5.70
N LYS B 181 -10.05 -19.91 -6.35
CA LYS B 181 -8.66 -19.51 -6.03
C LYS B 181 -8.56 -18.67 -4.76
N PHE B 182 -9.57 -17.85 -4.50
CA PHE B 182 -9.67 -17.07 -3.25
C PHE B 182 -9.88 -18.01 -2.06
N ALA B 183 -10.76 -19.04 -2.22
CA ALA B 183 -11.08 -20.07 -1.21
C ALA B 183 -9.80 -20.81 -0.74
N LEU B 184 -8.86 -21.12 -1.66
CA LEU B 184 -7.58 -21.76 -1.36
C LEU B 184 -6.80 -20.89 -0.37
N ASP B 185 -6.74 -19.58 -0.61
CA ASP B 185 -6.08 -18.60 0.26
C ASP B 185 -6.70 -18.59 1.65
N GLY B 186 -8.02 -18.43 1.73
CA GLY B 186 -8.73 -18.44 3.01
C GLY B 186 -8.50 -19.72 3.79
N PHE B 187 -8.62 -20.88 3.10
CA PHE B 187 -8.41 -22.17 3.74
C PHE B 187 -6.98 -22.43 4.15
N PHE B 188 -6.03 -22.40 3.20
CA PHE B 188 -4.65 -22.75 3.46
C PHE B 188 -3.91 -21.75 4.39
N SER B 189 -4.26 -20.46 4.33
CA SER B 189 -3.65 -19.46 5.20
C SER B 189 -4.13 -19.60 6.65
N SER B 190 -5.38 -20.06 6.83
CA SER B 190 -5.96 -20.30 8.14
C SER B 190 -5.35 -21.52 8.80
N ILE B 191 -5.15 -22.62 8.05
CA ILE B 191 -4.55 -23.83 8.61
C ILE B 191 -3.05 -23.64 8.87
N ARG B 192 -2.38 -22.71 8.14
CA ARG B 192 -0.96 -22.39 8.34
C ARG B 192 -0.78 -21.80 9.74
N LYS B 193 -1.74 -20.95 10.16
CA LYS B 193 -1.78 -20.33 11.49
C LYS B 193 -2.00 -21.41 12.54
N GLU B 194 -2.86 -22.41 12.23
CA GLU B 194 -3.16 -23.54 13.08
C GLU B 194 -1.94 -24.43 13.30
N TYR B 195 -1.18 -24.70 12.23
CA TYR B 195 0.03 -25.53 12.25
C TYR B 195 1.14 -24.89 13.07
N SER B 196 1.20 -23.55 13.04
CA SER B 196 2.17 -22.76 13.79
C SER B 196 1.95 -22.93 15.31
N VAL B 197 0.68 -22.86 15.76
CA VAL B 197 0.33 -22.99 17.18
C VAL B 197 0.24 -24.45 17.65
N SER B 198 -0.06 -25.39 16.74
CA SER B 198 -0.15 -26.84 17.03
C SER B 198 1.21 -27.53 16.89
N ARG B 199 2.25 -26.78 16.49
CA ARG B 199 3.63 -27.26 16.28
C ARG B 199 3.72 -28.32 15.17
N VAL B 200 2.92 -28.14 14.10
CA VAL B 200 2.91 -29.00 12.93
C VAL B 200 3.93 -28.42 11.96
N ASN B 201 5.06 -29.15 11.76
CA ASN B 201 6.18 -28.72 10.93
C ASN B 201 5.99 -29.04 9.44
N VAL B 202 4.82 -28.65 8.92
CA VAL B 202 4.48 -28.81 7.50
C VAL B 202 4.26 -27.41 6.98
N SER B 203 5.11 -26.97 6.04
CA SER B 203 4.99 -25.66 5.46
C SER B 203 3.89 -25.62 4.37
N ILE B 204 3.36 -24.42 4.10
CA ILE B 204 2.31 -24.17 3.12
C ILE B 204 2.74 -22.98 2.25
N THR B 205 2.94 -23.24 0.95
CA THR B 205 3.34 -22.21 -0.01
C THR B 205 2.18 -21.91 -0.95
N LEU B 206 1.66 -20.66 -0.90
CA LEU B 206 0.63 -20.20 -1.84
C LEU B 206 1.33 -19.52 -3.01
N CYS B 207 1.13 -20.01 -4.23
CA CYS B 207 1.78 -19.43 -5.42
C CYS B 207 0.85 -18.55 -6.22
N VAL B 208 1.16 -17.24 -6.29
CA VAL B 208 0.39 -16.19 -6.97
C VAL B 208 0.96 -15.93 -8.39
N LEU B 209 0.34 -16.54 -9.41
CA LEU B 209 0.86 -16.42 -10.76
C LEU B 209 0.07 -15.52 -11.69
N GLY B 210 0.82 -14.79 -12.53
CA GLY B 210 0.29 -13.95 -13.59
C GLY B 210 0.09 -14.79 -14.83
N LEU B 211 -0.15 -14.17 -15.99
CA LEU B 211 -0.29 -14.94 -17.23
C LEU B 211 0.99 -15.75 -17.55
N ILE B 212 0.84 -17.05 -17.82
CA ILE B 212 1.93 -17.97 -18.14
C ILE B 212 1.69 -18.52 -19.54
N ASP B 213 2.76 -18.62 -20.37
CA ASP B 213 2.71 -19.02 -21.78
C ASP B 213 2.37 -20.52 -22.05
N THR B 214 1.51 -21.13 -21.21
CA THR B 214 1.06 -22.52 -21.42
C THR B 214 0.08 -22.52 -22.59
N GLU B 215 0.00 -23.63 -23.34
CA GLU B 215 -0.89 -23.79 -24.50
C GLU B 215 -2.35 -23.46 -24.16
N THR B 216 -2.84 -23.93 -23.00
CA THR B 216 -4.20 -23.70 -22.52
C THR B 216 -4.50 -22.21 -22.34
N ALA B 217 -3.67 -21.53 -21.56
CA ALA B 217 -3.84 -20.13 -21.25
C ALA B 217 -3.76 -19.25 -22.49
N MET B 218 -2.83 -19.56 -23.41
CA MET B 218 -2.65 -18.79 -24.64
C MET B 218 -3.88 -18.88 -25.51
N LYS B 219 -4.47 -20.08 -25.61
CA LYS B 219 -5.67 -20.39 -26.37
C LYS B 219 -6.90 -19.68 -25.77
N ALA B 220 -7.03 -19.74 -24.43
CA ALA B 220 -8.13 -19.11 -23.70
C ALA B 220 -8.13 -17.57 -23.74
N VAL B 221 -6.93 -16.92 -23.73
CA VAL B 221 -6.82 -15.47 -23.72
C VAL B 221 -6.95 -14.86 -25.11
N SER B 222 -6.65 -15.63 -26.18
CA SER B 222 -6.65 -15.20 -27.59
C SER B 222 -7.87 -14.35 -28.03
N GLY B 223 -7.62 -13.05 -28.28
CA GLY B 223 -8.60 -12.06 -28.74
C GLY B 223 -9.50 -11.49 -27.66
N ILE B 224 -9.16 -11.72 -26.39
CA ILE B 224 -9.96 -11.29 -25.23
C ILE B 224 -9.03 -10.56 -24.23
N VAL B 225 -7.86 -11.13 -23.97
CA VAL B 225 -6.90 -10.57 -23.05
C VAL B 225 -5.62 -10.29 -23.78
N HIS B 226 -5.14 -9.05 -23.65
CA HIS B 226 -3.92 -8.58 -24.27
C HIS B 226 -2.93 -8.14 -23.19
N MET B 227 -2.13 -9.11 -22.73
CA MET B 227 -1.08 -8.90 -21.73
C MET B 227 0.09 -9.84 -21.94
N GLN B 228 1.26 -9.44 -21.47
CA GLN B 228 2.51 -10.20 -21.53
C GLN B 228 2.42 -11.51 -20.71
N ALA B 229 2.87 -12.60 -21.33
CA ALA B 229 2.91 -13.95 -20.79
C ALA B 229 4.33 -14.24 -20.32
N ALA B 230 4.46 -14.81 -19.13
CA ALA B 230 5.76 -15.16 -18.58
C ALA B 230 6.11 -16.64 -18.94
N PRO B 231 7.42 -17.01 -19.12
CA PRO B 231 7.73 -18.42 -19.49
C PRO B 231 7.38 -19.47 -18.42
N LYS B 232 6.68 -20.53 -18.85
CA LYS B 232 6.25 -21.67 -18.02
C LYS B 232 7.39 -22.42 -17.32
N GLU B 233 8.58 -22.47 -17.96
CA GLU B 233 9.77 -23.16 -17.44
C GLU B 233 10.28 -22.53 -16.14
N GLU B 234 10.50 -21.20 -16.16
CA GLU B 234 10.96 -20.41 -15.02
C GLU B 234 9.90 -20.38 -13.91
N CYS B 235 8.62 -20.28 -14.32
CA CYS B 235 7.47 -20.26 -13.42
C CYS B 235 7.48 -21.52 -12.56
N ALA B 236 7.57 -22.69 -13.21
CA ALA B 236 7.62 -24.01 -12.57
C ALA B 236 8.79 -24.11 -11.58
N LEU B 237 9.95 -23.52 -11.93
CA LEU B 237 11.16 -23.49 -11.10
C LEU B 237 10.93 -22.61 -9.86
N GLU B 238 10.36 -21.41 -10.05
CA GLU B 238 10.04 -20.49 -8.95
C GLU B 238 9.11 -21.12 -7.92
N ILE B 239 8.11 -21.91 -8.39
CA ILE B 239 7.17 -22.64 -7.52
C ILE B 239 7.93 -23.66 -6.67
N ILE B 240 8.84 -24.45 -7.30
CA ILE B 240 9.67 -25.45 -6.61
C ILE B 240 10.55 -24.80 -5.55
N LYS B 241 11.21 -23.68 -5.91
CA LYS B 241 12.07 -22.86 -5.04
C LYS B 241 11.36 -22.49 -3.74
N GLY B 242 10.18 -21.89 -3.85
CA GLY B 242 9.37 -21.46 -2.70
C GLY B 242 9.01 -22.58 -1.75
N GLY B 243 8.56 -23.72 -2.31
CA GLY B 243 8.24 -24.92 -1.56
C GLY B 243 9.44 -25.45 -0.82
N ALA B 244 10.61 -25.49 -1.51
CA ALA B 244 11.89 -25.94 -0.97
C ALA B 244 12.37 -25.01 0.15
N LEU B 245 12.24 -23.68 -0.03
CA LEU B 245 12.62 -22.68 0.97
C LEU B 245 11.58 -22.48 2.08
N ARG B 246 10.41 -23.16 1.95
CA ARG B 246 9.28 -23.12 2.90
C ARG B 246 8.70 -21.70 3.02
N GLN B 247 8.73 -20.98 1.89
CA GLN B 247 8.19 -19.62 1.76
C GLN B 247 6.68 -19.70 1.86
N GLU B 248 6.08 -18.78 2.60
CA GLU B 248 4.63 -18.73 2.79
C GLU B 248 3.93 -18.45 1.47
N GLU B 249 4.50 -17.55 0.66
CA GLU B 249 3.96 -17.15 -0.64
C GLU B 249 5.05 -16.95 -1.70
N VAL B 250 4.70 -17.23 -2.96
CA VAL B 250 5.56 -17.05 -4.14
C VAL B 250 4.79 -16.17 -5.11
N TYR B 251 5.47 -15.20 -5.73
CA TYR B 251 4.86 -14.32 -6.71
C TYR B 251 5.66 -14.39 -7.98
N TYR B 252 4.98 -14.66 -9.10
CA TYR B 252 5.61 -14.74 -10.40
C TYR B 252 4.72 -14.13 -11.47
N ASP B 253 5.17 -13.01 -12.03
CA ASP B 253 4.48 -12.24 -13.09
C ASP B 253 5.48 -11.52 -13.98
N SER B 254 5.09 -11.28 -15.25
CA SER B 254 5.85 -10.56 -16.28
C SER B 254 6.19 -9.11 -15.87
N SER B 255 5.21 -8.39 -15.28
CA SER B 255 5.33 -7.01 -14.85
C SER B 255 6.00 -6.90 -13.48
N ARG B 256 6.87 -5.88 -13.32
CA ARG B 256 7.55 -5.62 -12.06
C ARG B 256 6.66 -4.76 -11.16
N TRP B 257 5.70 -4.05 -11.76
CA TRP B 257 4.71 -3.19 -11.09
C TRP B 257 3.74 -4.09 -10.34
N THR B 258 3.37 -5.25 -10.95
CA THR B 258 2.49 -6.26 -10.37
C THR B 258 3.14 -6.92 -9.15
N THR B 259 4.43 -7.31 -9.26
CA THR B 259 5.22 -7.93 -8.19
C THR B 259 5.44 -7.02 -6.96
N LEU B 260 5.38 -5.70 -7.16
CA LEU B 260 5.53 -4.72 -6.09
C LEU B 260 4.19 -4.44 -5.38
N LEU B 261 3.08 -4.43 -6.13
CA LEU B 261 1.72 -4.15 -5.65
C LEU B 261 0.94 -5.33 -5.08
N ILE B 262 1.32 -6.58 -5.45
CA ILE B 262 0.61 -7.79 -5.03
C ILE B 262 0.65 -8.01 -3.52
N ARG B 263 1.80 -7.77 -2.87
CA ARG B 263 1.99 -7.95 -1.43
C ARG B 263 1.02 -7.08 -0.63
N ASN B 264 0.45 -7.64 0.44
CA ASN B 264 -0.49 -6.93 1.32
C ASN B 264 0.13 -6.84 2.73
N PRO B 265 0.96 -5.79 2.95
CA PRO B 265 1.62 -5.64 4.25
C PRO B 265 0.67 -5.38 5.41
N CYS B 266 -0.46 -4.72 5.13
CA CYS B 266 -1.51 -4.44 6.12
C CYS B 266 -2.18 -5.72 6.62
N ARG B 267 -2.32 -6.72 5.72
CA ARG B 267 -2.90 -8.02 6.03
C ARG B 267 -2.02 -8.75 7.06
N LYS B 268 -0.69 -8.78 6.81
CA LYS B 268 0.27 -9.43 7.71
C LYS B 268 0.36 -8.77 9.09
N ILE B 269 0.10 -7.44 9.16
CA ILE B 269 0.09 -6.65 10.39
C ILE B 269 -1.15 -6.99 11.23
N LEU B 270 -2.34 -7.02 10.58
CA LEU B 270 -3.62 -7.36 11.21
C LEU B 270 -3.56 -8.75 11.86
N GLU B 271 -2.99 -9.74 11.14
CA GLU B 271 -2.81 -11.12 11.59
C GLU B 271 -1.90 -11.20 12.82
N GLU B 272 -0.78 -10.44 12.81
CA GLU B 272 0.17 -10.37 13.91
C GLU B 272 -0.44 -9.66 15.13
N LEU B 273 -1.34 -8.69 14.90
CA LEU B 273 -2.05 -7.95 15.95
C LEU B 273 -3.10 -8.83 16.62
N TYR B 274 -3.79 -9.68 15.82
CA TYR B 274 -4.84 -10.57 16.26
C TYR B 274 -4.32 -11.88 16.88
N SER B 275 -3.01 -12.19 16.71
CA SER B 275 -2.38 -13.40 17.25
C SER B 275 -2.26 -13.41 18.80
N THR B 276 -2.56 -12.25 19.43
CA THR B 276 -2.53 -12.03 20.88
C THR B 276 -3.98 -11.92 21.43
N SER B 277 -4.94 -12.59 20.78
CA SER B 277 -6.36 -12.58 21.17
C SER B 277 -6.90 -13.96 21.57
N TYR B 278 -6.37 -15.06 20.97
CA TYR B 278 -6.81 -16.44 21.25
C TYR B 278 -5.85 -17.21 22.17
N GLN C 12 -21.93 29.50 7.42
CA GLN C 12 -21.93 28.81 6.14
C GLN C 12 -21.49 27.35 6.27
N MET C 13 -20.60 27.05 7.23
CA MET C 13 -20.07 25.71 7.44
C MET C 13 -20.90 24.87 8.43
N GLY C 14 -21.92 24.19 7.90
CA GLY C 14 -22.80 23.29 8.64
C GLY C 14 -22.62 21.87 8.17
N ARG C 15 -23.72 21.09 8.08
CA ARG C 15 -23.68 19.71 7.61
C ARG C 15 -23.50 19.65 6.09
N GLY C 16 -22.52 18.87 5.65
CA GLY C 16 -22.17 18.70 4.24
C GLY C 16 -21.02 19.56 3.78
N SER C 17 -20.70 20.61 4.57
CA SER C 17 -19.63 21.58 4.33
C SER C 17 -18.20 21.03 4.41
N ASN C 18 -18.03 19.73 4.70
CA ASN C 18 -16.71 19.09 4.75
C ASN C 18 -16.52 18.23 3.48
N GLU C 19 -17.58 18.12 2.67
CA GLU C 19 -17.65 17.32 1.45
C GLU C 19 -18.00 18.10 0.18
N GLU C 20 -19.04 18.96 0.21
CA GLU C 20 -19.45 19.69 -0.97
C GLU C 20 -19.18 21.19 -0.90
N PHE C 21 -18.34 21.69 -1.83
CA PHE C 21 -17.95 23.08 -1.94
C PHE C 21 -19.07 23.97 -2.51
N ARG C 22 -19.13 25.20 -2.01
CA ARG C 22 -20.02 26.24 -2.48
C ARG C 22 -19.27 27.58 -2.51
N PRO C 23 -19.33 28.35 -3.62
CA PRO C 23 -18.59 29.63 -3.68
C PRO C 23 -18.87 30.62 -2.55
N GLU C 24 -20.05 30.56 -1.92
CA GLU C 24 -20.48 31.43 -0.82
C GLU C 24 -19.68 31.18 0.46
N MET C 25 -18.92 30.05 0.54
CA MET C 25 -18.04 29.72 1.67
C MET C 25 -16.90 30.73 1.80
N LEU C 26 -16.57 31.42 0.68
CA LEU C 26 -15.50 32.43 0.59
C LEU C 26 -16.01 33.87 0.67
N GLN C 27 -17.35 34.07 0.64
CA GLN C 27 -18.01 35.38 0.75
C GLN C 27 -17.67 36.04 2.10
N GLY C 28 -17.00 37.18 2.02
CA GLY C 28 -16.58 37.94 3.19
C GLY C 28 -15.32 37.45 3.87
N LYS C 29 -14.71 36.37 3.35
CA LYS C 29 -13.47 35.79 3.92
C LYS C 29 -12.27 36.67 3.62
N LYS C 30 -11.32 36.73 4.55
CA LYS C 30 -10.11 37.56 4.43
C LYS C 30 -8.96 36.67 3.98
N VAL C 31 -8.56 36.80 2.70
CA VAL C 31 -7.57 35.92 2.09
C VAL C 31 -6.32 36.63 1.56
N ILE C 32 -5.14 36.05 1.86
CA ILE C 32 -3.84 36.45 1.32
C ILE C 32 -3.54 35.47 0.18
N VAL C 33 -3.04 35.98 -0.97
CA VAL C 33 -2.58 35.15 -2.08
C VAL C 33 -1.18 35.65 -2.44
N THR C 34 -0.15 34.79 -2.31
CA THR C 34 1.21 35.15 -2.69
C THR C 34 1.42 34.72 -4.14
N GLY C 35 2.40 35.30 -4.83
CA GLY C 35 2.64 35.05 -6.26
C GLY C 35 1.39 35.25 -7.09
N ALA C 36 0.66 36.36 -6.84
CA ALA C 36 -0.65 36.56 -7.47
C ALA C 36 -0.69 37.60 -8.60
N SER C 37 0.48 37.97 -9.16
CA SER C 37 0.53 38.92 -10.28
C SER C 37 0.30 38.19 -11.60
N LYS C 38 0.57 36.85 -11.63
CA LYS C 38 0.44 35.99 -12.80
C LYS C 38 0.13 34.52 -12.42
N GLY C 39 -0.06 33.67 -13.42
CA GLY C 39 -0.28 32.24 -13.30
C GLY C 39 -1.43 31.81 -12.41
N ILE C 40 -1.21 30.72 -11.63
CA ILE C 40 -2.23 30.14 -10.74
C ILE C 40 -2.68 31.17 -9.68
N GLY C 41 -1.70 31.87 -9.09
CA GLY C 41 -1.92 32.91 -8.09
C GLY C 41 -2.92 33.97 -8.50
N ARG C 42 -2.75 34.51 -9.74
CA ARG C 42 -3.65 35.52 -10.31
C ARG C 42 -5.05 34.93 -10.48
N GLU C 43 -5.13 33.67 -10.97
CA GLU C 43 -6.40 32.95 -11.15
C GLU C 43 -7.14 32.75 -9.84
N MET C 44 -6.39 32.50 -8.75
CA MET C 44 -6.96 32.30 -7.42
C MET C 44 -7.59 33.58 -6.91
N ALA C 45 -6.89 34.72 -7.08
CA ALA C 45 -7.35 36.08 -6.73
C ALA C 45 -8.65 36.39 -7.48
N TYR C 46 -8.72 36.07 -8.78
CA TYR C 46 -9.89 36.26 -9.65
C TYR C 46 -11.11 35.45 -9.20
N HIS C 47 -10.93 34.16 -8.87
CA HIS C 47 -12.01 33.30 -8.36
C HIS C 47 -12.49 33.84 -7.00
N LEU C 48 -11.56 34.19 -6.08
CA LEU C 48 -11.87 34.73 -4.74
C LEU C 48 -12.66 36.02 -4.82
N ALA C 49 -12.29 36.89 -5.79
CA ALA C 49 -12.95 38.17 -6.08
C ALA C 49 -14.40 37.91 -6.48
N LYS C 50 -14.62 36.97 -7.44
CA LYS C 50 -15.95 36.54 -7.91
C LYS C 50 -16.80 36.02 -6.75
N MET C 51 -16.16 35.35 -5.77
CA MET C 51 -16.78 34.80 -4.56
C MET C 51 -17.10 35.85 -3.48
N GLY C 52 -16.64 37.08 -3.67
CA GLY C 52 -16.89 38.19 -2.75
C GLY C 52 -16.02 38.17 -1.51
N ALA C 53 -14.79 37.66 -1.65
CA ALA C 53 -13.83 37.64 -0.56
C ALA C 53 -13.05 38.95 -0.55
N HIS C 54 -12.44 39.25 0.61
CA HIS C 54 -11.53 40.36 0.79
C HIS C 54 -10.19 39.75 0.39
N VAL C 55 -9.45 40.40 -0.51
CA VAL C 55 -8.17 39.86 -0.96
C VAL C 55 -7.02 40.82 -0.78
N VAL C 56 -5.85 40.26 -0.47
CA VAL C 56 -4.58 40.96 -0.42
C VAL C 56 -3.62 40.12 -1.24
N VAL C 57 -3.20 40.67 -2.38
CA VAL C 57 -2.31 40.01 -3.31
C VAL C 57 -0.89 40.54 -3.18
N THR C 58 0.09 39.67 -3.42
CA THR C 58 1.49 40.04 -3.36
C THR C 58 2.31 39.32 -4.44
N ALA C 59 3.37 40.00 -4.90
CA ALA C 59 4.40 39.62 -5.86
C ALA C 59 5.37 40.80 -5.85
N ARG C 60 6.36 40.80 -6.74
CA ARG C 60 7.34 41.88 -6.79
C ARG C 60 6.89 43.06 -7.70
N SER C 61 6.12 42.78 -8.77
CA SER C 61 5.66 43.81 -9.74
C SER C 61 4.44 44.59 -9.30
N LYS C 62 4.66 45.83 -8.85
CA LYS C 62 3.66 46.81 -8.41
C LYS C 62 2.62 47.08 -9.51
N GLU C 63 3.11 47.33 -10.74
CA GLU C 63 2.33 47.62 -11.94
C GLU C 63 1.36 46.50 -12.34
N THR C 64 1.84 45.24 -12.33
CA THR C 64 1.00 44.07 -12.65
C THR C 64 0.00 43.81 -11.50
N LEU C 65 0.42 43.97 -10.23
CA LEU C 65 -0.44 43.81 -9.04
C LEU C 65 -1.60 44.79 -9.05
N GLN C 66 -1.34 46.06 -9.48
CA GLN C 66 -2.34 47.14 -9.62
C GLN C 66 -3.47 46.72 -10.55
N LYS C 67 -3.11 46.11 -11.70
CA LYS C 67 -4.06 45.61 -12.71
C LYS C 67 -4.92 44.47 -12.16
N VAL C 68 -4.30 43.55 -11.39
CA VAL C 68 -4.97 42.39 -10.75
C VAL C 68 -5.98 42.90 -9.74
N VAL C 69 -5.60 43.89 -8.90
CA VAL C 69 -6.45 44.53 -7.88
C VAL C 69 -7.67 45.19 -8.54
N SER C 70 -7.45 45.96 -9.63
CA SER C 70 -8.52 46.62 -10.38
C SER C 70 -9.53 45.60 -10.92
N HIS C 71 -9.03 44.50 -11.55
CA HIS C 71 -9.88 43.46 -12.07
C HIS C 71 -10.52 42.59 -10.99
N CYS C 72 -9.96 42.58 -9.74
CA CYS C 72 -10.52 41.88 -8.57
C CYS C 72 -11.80 42.62 -8.14
N LEU C 73 -11.71 43.96 -8.07
CA LEU C 73 -12.80 44.88 -7.70
C LEU C 73 -13.95 44.81 -8.70
N GLU C 74 -13.62 44.69 -10.01
CA GLU C 74 -14.58 44.58 -11.12
C GLU C 74 -15.39 43.28 -10.99
N LEU C 75 -14.73 42.17 -10.59
CA LEU C 75 -15.35 40.85 -10.43
C LEU C 75 -16.27 40.72 -9.20
N GLY C 76 -16.19 41.67 -8.29
CA GLY C 76 -17.04 41.70 -7.09
C GLY C 76 -16.35 41.39 -5.79
N ALA C 77 -15.04 41.71 -5.67
CA ALA C 77 -14.31 41.50 -4.42
C ALA C 77 -14.80 42.49 -3.38
N ALA C 78 -15.03 42.02 -2.15
CA ALA C 78 -15.51 42.86 -1.04
C ALA C 78 -14.53 44.00 -0.74
N SER C 79 -13.23 43.75 -0.96
CA SER C 79 -12.10 44.68 -0.90
C SER C 79 -10.90 44.01 -1.60
N ALA C 80 -10.00 44.80 -2.20
CA ALA C 80 -8.83 44.30 -2.91
C ALA C 80 -7.66 45.26 -2.75
N HIS C 81 -6.54 44.76 -2.24
CA HIS C 81 -5.31 45.51 -2.03
C HIS C 81 -4.09 44.69 -2.47
N TYR C 82 -2.99 45.39 -2.74
CA TYR C 82 -1.72 44.76 -3.06
C TYR C 82 -0.62 45.39 -2.21
N ILE C 83 0.44 44.61 -1.94
CA ILE C 83 1.65 45.05 -1.27
C ILE C 83 2.75 44.37 -2.06
N ALA C 84 3.60 45.14 -2.74
CA ALA C 84 4.67 44.60 -3.55
C ALA C 84 5.95 44.39 -2.72
N GLY C 85 6.70 43.34 -3.05
CA GLY C 85 7.96 43.01 -2.39
C GLY C 85 8.48 41.66 -2.79
N THR C 86 9.70 41.35 -2.38
CA THR C 86 10.34 40.09 -2.70
C THR C 86 10.36 39.16 -1.49
N MET C 87 9.97 37.89 -1.74
CA MET C 87 9.94 36.88 -0.70
C MET C 87 11.34 36.30 -0.41
N GLU C 88 12.39 36.87 -1.04
CA GLU C 88 13.81 36.58 -0.76
C GLU C 88 14.14 37.24 0.60
N ASP C 89 13.40 38.30 0.92
CA ASP C 89 13.51 39.11 2.13
C ASP C 89 12.53 38.60 3.20
N MET C 90 13.06 37.97 4.25
CA MET C 90 12.27 37.43 5.37
C MET C 90 11.60 38.53 6.20
N THR C 91 12.21 39.74 6.25
CA THR C 91 11.66 40.91 6.93
C THR C 91 10.39 41.38 6.19
N PHE C 92 10.45 41.44 4.84
CA PHE C 92 9.29 41.82 4.02
C PHE C 92 8.15 40.81 4.24
N ALA C 93 8.46 39.51 4.21
CA ALA C 93 7.48 38.43 4.41
C ALA C 93 6.74 38.56 5.75
N GLU C 94 7.48 38.83 6.83
CA GLU C 94 6.91 39.01 8.16
C GLU C 94 6.02 40.26 8.23
N GLN C 95 6.51 41.38 7.70
CA GLN C 95 5.76 42.65 7.73
C GLN C 95 4.56 42.67 6.80
N PHE C 96 4.65 41.98 5.65
CA PHE C 96 3.56 41.87 4.68
C PHE C 96 2.28 41.34 5.33
N VAL C 97 2.40 40.24 6.10
CA VAL C 97 1.27 39.61 6.79
C VAL C 97 0.59 40.57 7.78
N ALA C 98 1.39 41.30 8.59
CA ALA C 98 0.89 42.31 9.54
C ALA C 98 0.09 43.40 8.80
N GLN C 99 0.65 43.92 7.68
CA GLN C 99 0.01 44.96 6.83
C GLN C 99 -1.27 44.47 6.19
N ALA C 100 -1.24 43.25 5.63
CA ALA C 100 -2.39 42.62 4.99
C ALA C 100 -3.53 42.38 6.00
N GLY C 101 -3.17 41.91 7.20
CA GLY C 101 -4.12 41.69 8.28
C GLY C 101 -4.74 42.98 8.80
N LYS C 102 -3.97 44.08 8.79
CA LYS C 102 -4.45 45.40 9.21
C LYS C 102 -5.40 45.95 8.16
N LEU C 103 -5.10 45.75 6.85
CA LEU C 103 -5.95 46.19 5.75
C LEU C 103 -7.32 45.50 5.75
N MET C 104 -7.35 44.19 6.09
CA MET C 104 -8.57 43.38 6.09
C MET C 104 -9.28 43.25 7.45
N GLY C 105 -8.58 43.57 8.53
CA GLY C 105 -9.10 43.46 9.90
C GLY C 105 -9.14 42.01 10.37
N GLY C 106 -8.12 41.25 9.99
CA GLY C 106 -8.01 39.82 10.31
C GLY C 106 -7.59 38.98 9.12
N LEU C 107 -7.54 37.64 9.31
CA LEU C 107 -7.14 36.72 8.26
C LEU C 107 -7.83 35.36 8.41
N ASP C 108 -8.46 34.89 7.34
CA ASP C 108 -9.16 33.58 7.32
C ASP C 108 -8.36 32.54 6.54
N MET C 109 -7.74 32.94 5.44
CA MET C 109 -6.99 32.00 4.64
C MET C 109 -5.69 32.60 4.16
N LEU C 110 -4.61 31.82 4.27
CA LEU C 110 -3.28 32.19 3.82
C LEU C 110 -2.92 31.23 2.69
N ILE C 111 -2.84 31.75 1.45
CA ILE C 111 -2.49 30.93 0.29
C ILE C 111 -1.03 31.21 -0.09
N LEU C 112 -0.17 30.23 0.18
CA LEU C 112 1.27 30.26 -0.05
C LEU C 112 1.53 29.61 -1.40
N ASN C 113 1.78 30.46 -2.40
CA ASN C 113 1.86 30.04 -3.81
C ASN C 113 3.12 30.44 -4.54
N HIS C 114 3.74 31.58 -4.22
CA HIS C 114 4.95 32.05 -4.91
C HIS C 114 6.13 31.05 -4.88
N ILE C 115 7.03 31.18 -5.86
CA ILE C 115 8.28 30.43 -5.99
C ILE C 115 9.30 31.36 -6.66
N THR C 116 10.62 31.09 -6.50
CA THR C 116 11.69 31.81 -7.20
C THR C 116 11.69 31.24 -8.64
N ASN C 117 12.09 32.04 -9.63
CA ASN C 117 12.10 31.57 -11.02
C ASN C 117 13.08 30.40 -11.22
N THR C 118 12.58 29.32 -11.78
CA THR C 118 13.34 28.08 -12.01
C THR C 118 13.14 27.60 -13.47
N SER C 119 14.03 26.71 -13.91
CA SER C 119 13.94 26.12 -15.25
C SER C 119 14.29 24.63 -15.20
N LEU C 120 14.17 23.94 -16.34
CA LEU C 120 14.53 22.54 -16.47
C LEU C 120 15.99 22.48 -16.88
N ASN C 121 16.85 22.12 -15.92
CA ASN C 121 18.28 21.99 -16.15
C ASN C 121 18.87 20.95 -15.24
N LEU C 122 19.89 20.23 -15.75
CA LEU C 122 20.63 19.24 -14.97
C LEU C 122 21.39 19.97 -13.89
N PHE C 123 21.52 19.33 -12.72
CA PHE C 123 22.26 19.90 -11.62
C PHE C 123 23.75 19.61 -11.79
N HIS C 124 24.58 20.66 -11.69
CA HIS C 124 26.03 20.52 -11.78
C HIS C 124 26.71 21.08 -10.54
N ASP C 125 26.62 22.41 -10.33
CA ASP C 125 27.22 23.12 -9.20
C ASP C 125 26.49 24.41 -8.80
N ASP C 126 25.20 24.52 -9.12
CA ASP C 126 24.43 25.72 -8.80
C ASP C 126 23.81 25.65 -7.38
N ILE C 127 24.66 25.77 -6.35
CA ILE C 127 24.27 25.77 -4.94
C ILE C 127 23.47 27.05 -4.60
N HIS C 128 23.75 28.13 -5.32
CA HIS C 128 23.07 29.41 -5.13
C HIS C 128 21.60 29.31 -5.53
N HIS C 129 21.27 28.49 -6.55
CA HIS C 129 19.88 28.27 -6.95
C HIS C 129 19.21 27.34 -5.93
N VAL C 130 19.97 26.41 -5.32
CA VAL C 130 19.49 25.48 -4.31
C VAL C 130 19.12 26.24 -3.03
N ARG C 131 19.96 27.19 -2.65
CA ARG C 131 19.75 28.04 -1.47
C ARG C 131 18.62 29.02 -1.71
N LYS C 132 18.59 29.67 -2.88
CA LYS C 132 17.54 30.64 -3.24
C LYS C 132 16.18 29.96 -3.27
N SER C 133 16.14 28.71 -3.80
CA SER C 133 14.94 27.87 -3.84
C SER C 133 14.47 27.55 -2.45
N MET C 134 15.38 27.14 -1.55
CA MET C 134 15.01 26.83 -0.17
C MET C 134 14.46 28.06 0.59
N GLU C 135 15.07 29.24 0.35
CA GLU C 135 14.68 30.54 0.94
C GLU C 135 13.31 31.01 0.47
N VAL C 136 13.09 31.08 -0.83
CA VAL C 136 11.87 31.63 -1.41
C VAL C 136 10.71 30.60 -1.37
N ASN C 137 11.00 29.34 -1.75
CA ASN C 137 9.99 28.28 -1.84
C ASN C 137 9.64 27.61 -0.54
N PHE C 138 10.54 27.60 0.44
CA PHE C 138 10.25 26.93 1.70
C PHE C 138 10.30 27.85 2.91
N LEU C 139 11.51 28.37 3.23
CA LEU C 139 11.75 29.23 4.37
C LEU C 139 10.78 30.46 4.47
N SER C 140 10.45 31.10 3.33
CA SER C 140 9.52 32.25 3.33
C SER C 140 8.12 31.85 3.73
N TYR C 141 7.70 30.61 3.36
CA TYR C 141 6.40 30.02 3.69
C TYR C 141 6.32 29.82 5.21
N VAL C 142 7.44 29.40 5.85
CA VAL C 142 7.54 29.21 7.29
C VAL C 142 7.36 30.57 8.02
N VAL C 143 8.07 31.62 7.58
CA VAL C 143 8.03 32.99 8.15
C VAL C 143 6.59 33.55 8.01
N LEU C 144 5.98 33.42 6.80
CA LEU C 144 4.62 33.86 6.54
C LEU C 144 3.62 33.14 7.44
N THR C 145 3.81 31.83 7.68
CA THR C 145 2.97 31.02 8.58
C THR C 145 3.06 31.53 10.03
N VAL C 146 4.29 31.70 10.55
CA VAL C 146 4.58 32.22 11.91
C VAL C 146 3.89 33.57 12.11
N ALA C 147 4.05 34.49 11.13
CA ALA C 147 3.44 35.82 11.17
C ALA C 147 1.92 35.76 11.13
N ALA C 148 1.35 34.80 10.39
CA ALA C 148 -0.11 34.62 10.23
C ALA C 148 -0.83 33.82 11.31
N LEU C 149 -0.14 32.89 12.02
CA LEU C 149 -0.74 31.98 13.01
C LEU C 149 -1.63 32.68 14.08
N PRO C 150 -1.23 33.81 14.73
CA PRO C 150 -2.14 34.46 15.69
C PRO C 150 -3.53 34.82 15.11
N MET C 151 -3.59 35.44 13.91
CA MET C 151 -4.85 35.82 13.26
C MET C 151 -5.66 34.61 12.80
N LEU C 152 -4.98 33.54 12.32
CA LEU C 152 -5.66 32.33 11.87
C LEU C 152 -6.21 31.55 13.08
N LYS C 153 -5.57 31.66 14.27
CA LYS C 153 -6.06 31.03 15.50
C LYS C 153 -7.38 31.71 15.92
N GLN C 154 -7.46 33.04 15.72
CA GLN C 154 -8.62 33.88 16.03
C GLN C 154 -9.86 33.51 15.19
N SER C 155 -9.66 33.30 13.88
CA SER C 155 -10.70 33.00 12.91
C SER C 155 -10.92 31.49 12.63
N ASN C 156 -10.10 30.61 13.27
CA ASN C 156 -10.08 29.16 13.02
C ASN C 156 -9.81 28.95 11.51
N GLY C 157 -8.78 29.66 11.05
CA GLY C 157 -8.34 29.82 9.68
C GLY C 157 -7.70 28.64 8.97
N SER C 158 -7.21 28.92 7.75
CA SER C 158 -6.65 27.91 6.87
C SER C 158 -5.33 28.33 6.23
N ILE C 159 -4.40 27.39 6.15
CA ILE C 159 -3.15 27.58 5.44
C ILE C 159 -3.19 26.68 4.20
N VAL C 160 -2.99 27.29 3.02
CA VAL C 160 -2.98 26.57 1.76
C VAL C 160 -1.56 26.66 1.21
N VAL C 161 -0.89 25.50 1.09
CA VAL C 161 0.48 25.38 0.60
C VAL C 161 0.46 24.74 -0.79
N VAL C 162 0.88 25.50 -1.80
CA VAL C 162 0.93 25.03 -3.17
C VAL C 162 2.27 24.32 -3.40
N SER C 163 2.16 23.03 -3.72
CA SER C 163 3.28 22.15 -3.99
C SER C 163 3.13 21.63 -5.41
N SER C 164 3.81 20.53 -5.75
CA SER C 164 3.88 19.91 -7.08
C SER C 164 4.01 18.39 -6.94
N LEU C 165 3.91 17.67 -8.09
CA LEU C 165 4.15 16.22 -8.16
C LEU C 165 5.62 16.02 -7.75
N ALA C 166 6.50 16.96 -8.17
CA ALA C 166 7.93 16.99 -7.84
C ALA C 166 8.16 17.13 -6.34
N GLY C 167 7.10 17.44 -5.60
CA GLY C 167 7.13 17.56 -4.14
C GLY C 167 6.68 16.27 -3.46
N LYS C 168 6.40 15.22 -4.25
CA LYS C 168 5.98 13.90 -3.77
C LYS C 168 6.80 12.76 -4.39
N VAL C 169 7.21 12.92 -5.66
CA VAL C 169 7.99 11.91 -6.39
C VAL C 169 9.17 12.60 -7.10
N ALA C 170 10.19 11.81 -7.46
CA ALA C 170 11.41 12.27 -8.11
C ALA C 170 11.29 12.38 -9.63
N TYR C 171 11.80 13.50 -10.17
CA TYR C 171 11.89 13.80 -11.60
C TYR C 171 13.25 14.44 -11.87
N PRO C 172 13.88 14.18 -13.03
CA PRO C 172 15.16 14.85 -13.31
C PRO C 172 14.96 16.30 -13.71
N MET C 173 16.05 17.11 -13.67
CA MET C 173 16.13 18.53 -14.08
C MET C 173 15.41 19.53 -13.15
N VAL C 174 14.94 19.08 -11.97
CA VAL C 174 14.23 19.91 -10.98
C VAL C 174 14.73 19.64 -9.54
N ALA C 175 16.01 19.27 -9.36
CA ALA C 175 16.61 18.92 -8.07
C ALA C 175 16.35 19.92 -6.94
N ALA C 176 16.73 21.20 -7.14
CA ALA C 176 16.56 22.33 -6.20
C ALA C 176 15.08 22.56 -5.90
N TYR C 177 14.26 22.61 -6.96
CA TYR C 177 12.82 22.86 -6.92
C TYR C 177 12.12 21.76 -6.13
N SER C 178 12.50 20.49 -6.40
CA SER C 178 11.96 19.28 -5.76
C SER C 178 12.32 19.26 -4.25
N ALA C 179 13.57 19.62 -3.92
CA ALA C 179 14.05 19.69 -2.53
C ALA C 179 13.17 20.64 -1.69
N SER C 180 12.89 21.83 -2.22
CA SER C 180 12.07 22.84 -1.55
C SER C 180 10.61 22.40 -1.42
N LYS C 181 10.07 21.73 -2.46
CA LYS C 181 8.68 21.23 -2.43
C LYS C 181 8.50 20.06 -1.48
N PHE C 182 9.52 19.18 -1.37
CA PHE C 182 9.52 18.07 -0.41
C PHE C 182 9.57 18.60 1.01
N ALA C 183 10.43 19.64 1.26
CA ALA C 183 10.59 20.29 2.57
C ALA C 183 9.26 20.85 3.12
N LEU C 184 8.42 21.42 2.23
CA LEU C 184 7.10 21.94 2.58
C LEU C 184 6.25 20.83 3.18
N ASP C 185 6.25 19.65 2.53
CA ASP C 185 5.53 18.46 2.98
C ASP C 185 6.02 18.04 4.37
N GLY C 186 7.32 17.84 4.54
CA GLY C 186 7.88 17.47 5.84
C GLY C 186 7.53 18.44 6.94
N PHE C 187 7.69 19.75 6.66
CA PHE C 187 7.38 20.79 7.64
C PHE C 187 5.90 20.92 7.94
N PHE C 188 5.07 21.19 6.91
CA PHE C 188 3.64 21.43 7.13
C PHE C 188 2.85 20.20 7.63
N SER C 189 3.26 18.98 7.23
CA SER C 189 2.60 17.76 7.68
C SER C 189 2.93 17.48 9.15
N SER C 190 4.13 17.87 9.60
CA SER C 190 4.57 17.71 10.99
C SER C 190 3.82 18.68 11.91
N ILE C 191 3.66 19.95 11.50
CA ILE C 191 2.95 20.93 12.34
C ILE C 191 1.44 20.66 12.35
N ARG C 192 0.91 20.00 11.29
CA ARG C 192 -0.51 19.61 11.23
C ARG C 192 -0.81 18.63 12.37
N LYS C 193 0.13 17.71 12.62
CA LYS C 193 0.06 16.72 13.69
C LYS C 193 0.13 17.42 15.04
N GLU C 194 0.98 18.46 15.13
CA GLU C 194 1.15 19.28 16.35
C GLU C 194 -0.12 20.06 16.67
N TYR C 195 -0.77 20.65 15.64
CA TYR C 195 -2.02 21.42 15.78
C TYR C 195 -3.17 20.54 16.25
N SER C 196 -3.19 19.27 15.81
CA SER C 196 -4.20 18.28 16.17
C SER C 196 -4.12 17.97 17.68
N VAL C 197 -2.91 17.79 18.23
CA VAL C 197 -2.70 17.47 19.65
C VAL C 197 -2.71 18.72 20.55
N SER C 198 -2.37 19.91 19.99
CA SER C 198 -2.38 21.19 20.72
C SER C 198 -3.74 21.88 20.65
N ARG C 199 -4.72 21.28 19.92
CA ARG C 199 -6.08 21.77 19.72
C ARG C 199 -6.09 23.14 18.97
N VAL C 200 -5.18 23.30 18.01
CA VAL C 200 -5.07 24.50 17.16
C VAL C 200 -5.97 24.21 15.95
N ASN C 201 -7.09 24.95 15.84
CA ASN C 201 -8.10 24.78 14.80
C ASN C 201 -7.76 25.55 13.51
N VAL C 202 -6.54 25.38 13.02
CA VAL C 202 -6.03 25.96 11.78
C VAL C 202 -5.70 24.79 10.86
N SER C 203 -6.46 24.63 9.76
CA SER C 203 -6.25 23.56 8.78
C SER C 203 -5.07 23.85 7.86
N ILE C 204 -4.47 22.79 7.32
CA ILE C 204 -3.31 22.85 6.43
C ILE C 204 -3.60 21.99 5.20
N THR C 205 -3.67 22.64 4.03
CA THR C 205 -3.92 21.98 2.75
C THR C 205 -2.67 21.99 1.89
N LEU C 206 -2.11 20.80 1.62
CA LEU C 206 -0.96 20.64 0.73
C LEU C 206 -1.49 20.33 -0.67
N CYS C 207 -1.16 21.16 -1.66
CA CYS C 207 -1.68 20.97 -3.02
C CYS C 207 -0.62 20.37 -3.93
N VAL C 208 -0.85 19.14 -4.41
CA VAL C 208 0.04 18.38 -5.30
C VAL C 208 -0.41 18.58 -6.76
N LEU C 209 0.29 19.44 -7.50
CA LEU C 209 -0.11 19.75 -8.86
C LEU C 209 0.80 19.18 -9.93
N GLY C 210 0.19 18.77 -11.04
CA GLY C 210 0.87 18.32 -12.25
C GLY C 210 1.14 19.50 -13.15
N LEU C 211 1.52 19.27 -14.42
CA LEU C 211 1.75 20.37 -15.36
C LEU C 211 0.50 21.23 -15.57
N ILE C 212 0.64 22.57 -15.38
CA ILE C 212 -0.44 23.57 -15.51
C ILE C 212 -0.07 24.54 -16.64
N ASP C 213 -1.05 24.90 -17.49
CA ASP C 213 -0.86 25.72 -18.69
C ASP C 213 -0.55 27.23 -18.44
N THR C 214 0.22 27.54 -17.37
CA THR C 214 0.65 28.91 -17.09
C THR C 214 1.72 29.27 -18.11
N GLU C 215 1.85 30.58 -18.45
CA GLU C 215 2.84 31.07 -19.42
C GLU C 215 4.27 30.65 -19.07
N THR C 216 4.63 30.71 -17.77
CA THR C 216 5.95 30.33 -17.26
C THR C 216 6.25 28.86 -17.52
N ALA C 217 5.34 27.94 -17.09
CA ALA C 217 5.49 26.50 -17.24
C ALA C 217 5.53 26.04 -18.68
N MET C 218 4.73 26.69 -19.56
CA MET C 218 4.69 26.35 -20.99
C MET C 218 5.99 26.71 -21.68
N LYS C 219 6.57 27.86 -21.30
CA LYS C 219 7.84 28.39 -21.80
C LYS C 219 8.98 27.49 -21.33
N ALA C 220 8.95 27.09 -20.04
CA ALA C 220 9.97 26.23 -19.41
C ALA C 220 10.01 24.80 -19.96
N VAL C 221 8.85 24.23 -20.36
CA VAL C 221 8.81 22.85 -20.89
C VAL C 221 9.13 22.78 -22.39
N SER C 222 8.93 23.89 -23.13
CA SER C 222 9.13 23.99 -24.59
C SER C 222 10.44 23.34 -25.11
N GLY C 223 10.29 22.19 -25.77
CA GLY C 223 11.37 21.42 -26.38
C GLY C 223 12.20 20.55 -25.44
N ILE C 224 11.72 20.34 -24.21
CA ILE C 224 12.39 19.53 -23.18
C ILE C 224 11.40 18.51 -22.64
N VAL C 225 10.17 18.97 -22.32
CA VAL C 225 9.11 18.14 -21.78
C VAL C 225 7.91 18.16 -22.73
N HIS C 226 7.44 16.98 -23.16
CA HIS C 226 6.31 16.86 -24.08
C HIS C 226 5.19 16.05 -23.42
N MET C 227 4.37 16.72 -22.57
CA MET C 227 3.24 16.16 -21.83
C MET C 227 2.04 17.13 -21.74
N GLN C 228 0.86 16.58 -21.43
CA GLN C 228 -0.41 17.31 -21.28
C GLN C 228 -0.41 18.27 -20.09
N ALA C 229 -0.86 19.51 -20.35
CA ALA C 229 -0.99 20.59 -19.39
C ALA C 229 -2.47 20.73 -19.01
N ALA C 230 -2.74 20.87 -17.71
CA ALA C 230 -4.10 21.05 -17.21
C ALA C 230 -4.44 22.57 -17.12
N PRO C 231 -5.73 23.00 -17.30
CA PRO C 231 -6.04 24.45 -17.26
C PRO C 231 -5.84 25.12 -15.89
N LYS C 232 -5.16 26.28 -15.91
CA LYS C 232 -4.84 27.11 -14.73
C LYS C 232 -6.05 27.61 -13.96
N GLU C 233 -7.17 27.87 -14.67
CA GLU C 233 -8.44 28.36 -14.12
C GLU C 233 -9.05 27.34 -13.15
N GLU C 234 -9.24 26.09 -13.60
CA GLU C 234 -9.79 24.98 -12.80
C GLU C 234 -8.82 24.61 -11.66
N CYS C 235 -7.50 24.63 -11.93
CA CYS C 235 -6.47 24.35 -10.96
C CYS C 235 -6.60 25.28 -9.77
N ALA C 236 -6.67 26.61 -10.05
CA ALA C 236 -6.84 27.67 -9.05
C ALA C 236 -8.10 27.47 -8.20
N LEU C 237 -9.19 27.01 -8.85
CA LEU C 237 -10.48 26.71 -8.19
C LEU C 237 -10.35 25.49 -7.29
N GLU C 238 -9.69 24.42 -7.76
CA GLU C 238 -9.46 23.19 -6.97
C GLU C 238 -8.68 23.48 -5.69
N ILE C 239 -7.68 24.35 -5.76
CA ILE C 239 -6.86 24.77 -4.63
C ILE C 239 -7.75 25.48 -3.59
N ILE C 240 -8.62 26.41 -4.06
CA ILE C 240 -9.56 27.16 -3.20
C ILE C 240 -10.53 26.18 -2.50
N LYS C 241 -11.10 25.24 -3.27
CA LYS C 241 -12.03 24.19 -2.79
C LYS C 241 -11.46 23.42 -1.61
N GLY C 242 -10.24 22.88 -1.76
CA GLY C 242 -9.56 22.12 -0.71
C GLY C 242 -9.34 22.88 0.58
N GLY C 243 -8.89 24.13 0.46
CA GLY C 243 -8.68 25.02 1.58
C GLY C 243 -9.99 25.30 2.30
N ALA C 244 -11.07 25.57 1.53
CA ALA C 244 -12.42 25.83 2.02
C ALA C 244 -12.99 24.60 2.75
N LEU C 245 -12.78 23.39 2.16
CA LEU C 245 -13.25 22.12 2.76
C LEU C 245 -12.32 21.58 3.85
N ARG C 246 -11.18 22.26 4.09
CA ARG C 246 -10.16 21.93 5.11
C ARG C 246 -9.55 20.53 4.84
N GLN C 247 -9.42 20.20 3.55
CA GLN C 247 -8.83 18.96 3.05
C GLN C 247 -7.34 19.00 3.36
N GLU C 248 -6.79 17.89 3.85
CA GLU C 248 -5.37 17.80 4.18
C GLU C 248 -4.52 17.94 2.93
N GLU C 249 -4.98 17.34 1.81
CA GLU C 249 -4.29 17.35 0.53
C GLU C 249 -5.24 17.48 -0.66
N VAL C 250 -4.78 18.14 -1.73
CA VAL C 250 -5.49 18.33 -2.99
C VAL C 250 -4.58 17.78 -4.08
N TYR C 251 -5.16 17.06 -5.04
CA TYR C 251 -4.43 16.53 -6.19
C TYR C 251 -5.09 16.98 -7.46
N TYR C 252 -4.30 17.56 -8.37
CA TYR C 252 -4.80 18.05 -9.64
C TYR C 252 -3.79 17.81 -10.74
N ASP C 253 -4.13 16.91 -11.69
CA ASP C 253 -3.30 16.51 -12.83
C ASP C 253 -4.16 16.09 -14.03
N SER C 254 -3.61 16.25 -15.25
CA SER C 254 -4.22 15.89 -16.55
C SER C 254 -4.50 14.37 -16.65
N SER C 255 -3.55 13.53 -16.19
CA SER C 255 -3.64 12.07 -16.23
C SER C 255 -4.47 11.54 -15.06
N ARG C 256 -5.35 10.55 -15.33
CA ARG C 256 -6.17 9.88 -14.31
C ARG C 256 -5.34 8.79 -13.61
N TRP C 257 -4.27 8.30 -14.27
CA TRP C 257 -3.34 7.31 -13.73
C TRP C 257 -2.55 7.93 -12.59
N THR C 258 -2.11 9.19 -12.79
CA THR C 258 -1.35 9.99 -11.84
C THR C 258 -2.17 10.27 -10.58
N THR C 259 -3.42 10.74 -10.75
CA THR C 259 -4.34 11.09 -9.67
C THR C 259 -4.65 9.90 -8.72
N LEU C 260 -4.62 8.66 -9.24
CA LEU C 260 -4.88 7.48 -8.41
C LEU C 260 -3.60 7.00 -7.69
N LEU C 261 -2.44 7.01 -8.40
CA LEU C 261 -1.15 6.56 -7.88
C LEU C 261 -0.44 7.52 -6.91
N ILE C 262 -0.82 8.81 -6.92
CA ILE C 262 -0.19 9.83 -6.09
C ILE C 262 -0.38 9.59 -4.58
N ARG C 263 -1.57 9.14 -4.18
CA ARG C 263 -1.92 8.87 -2.79
C ARG C 263 -1.02 7.81 -2.16
N ASN C 264 -0.59 8.05 -0.89
CA ASN C 264 0.23 7.12 -0.12
C ASN C 264 -0.55 6.66 1.12
N PRO C 265 -1.40 5.64 0.96
CA PRO C 265 -2.22 5.16 2.08
C PRO C 265 -1.41 4.53 3.22
N CYS C 266 -0.27 3.91 2.87
CA CYS C 266 0.66 3.29 3.82
C CYS C 266 1.30 4.33 4.74
N ARG C 267 1.53 5.56 4.21
CA ARG C 267 2.09 6.67 4.95
C ARG C 267 1.13 7.10 6.05
N LYS C 268 -0.17 7.24 5.73
CA LYS C 268 -1.22 7.64 6.68
C LYS C 268 -1.44 6.60 7.79
N ILE C 269 -1.22 5.31 7.47
CA ILE C 269 -1.34 4.18 8.41
C ILE C 269 -0.17 4.21 9.41
N LEU C 270 1.08 4.39 8.91
CA LEU C 270 2.29 4.47 9.73
C LEU C 270 2.19 5.59 10.76
N GLU C 271 1.71 6.78 10.32
CA GLU C 271 1.51 7.98 11.14
C GLU C 271 0.50 7.72 12.26
N GLU C 272 -0.62 7.06 11.93
CA GLU C 272 -1.68 6.69 12.88
C GLU C 272 -1.19 5.63 13.88
N LEU C 273 -0.29 4.74 13.43
CA LEU C 273 0.32 3.69 14.27
C LEU C 273 1.32 4.29 15.25
N TYR C 274 2.08 5.30 14.81
CA TYR C 274 3.09 6.00 15.59
C TYR C 274 2.54 7.08 16.52
N SER C 275 1.25 7.48 16.35
CA SER C 275 0.59 8.50 17.18
C SER C 275 0.33 8.04 18.63
N THR C 276 0.55 6.73 18.90
CA THR C 276 0.39 6.09 20.23
C THR C 276 1.77 5.76 20.84
N SER C 277 2.81 6.56 20.51
CA SER C 277 4.18 6.36 20.99
C SER C 277 4.69 7.54 21.82
N GLU D 19 23.39 -7.81 -4.84
CA GLU D 19 22.77 -9.06 -4.44
C GLU D 19 23.09 -9.40 -2.95
N GLU D 20 24.23 -10.08 -2.69
CA GLU D 20 24.66 -10.50 -1.36
C GLU D 20 25.95 -9.79 -0.98
N PHE D 21 25.92 -9.10 0.17
CA PHE D 21 27.07 -8.34 0.68
C PHE D 21 28.19 -9.23 1.20
N ARG D 22 29.44 -8.77 0.97
CA ARG D 22 30.65 -9.38 1.47
C ARG D 22 31.60 -8.29 1.98
N PRO D 23 32.11 -8.37 3.23
CA PRO D 23 33.00 -7.31 3.76
C PRO D 23 34.20 -6.92 2.90
N GLU D 24 34.64 -7.82 2.00
CA GLU D 24 35.76 -7.61 1.06
C GLU D 24 35.46 -6.56 0.00
N MET D 25 34.17 -6.20 -0.19
CA MET D 25 33.72 -5.17 -1.13
C MET D 25 34.26 -3.79 -0.72
N LEU D 26 34.58 -3.61 0.59
CA LEU D 26 35.11 -2.37 1.16
C LEU D 26 36.63 -2.37 1.37
N GLN D 27 37.28 -3.53 1.16
CA GLN D 27 38.73 -3.69 1.28
C GLN D 27 39.46 -2.78 0.26
N GLY D 28 40.26 -1.85 0.79
CA GLY D 28 41.01 -0.89 -0.01
C GLY D 28 40.21 0.30 -0.54
N LYS D 29 38.90 0.37 -0.22
CA LYS D 29 38.03 1.46 -0.68
C LYS D 29 38.32 2.75 0.09
N LYS D 30 38.21 3.90 -0.61
CA LYS D 30 38.46 5.22 -0.03
C LYS D 30 37.13 5.84 0.37
N VAL D 31 36.89 5.91 1.69
CA VAL D 31 35.59 6.35 2.23
C VAL D 31 35.68 7.56 3.18
N ILE D 32 34.77 8.53 2.97
CA ILE D 32 34.54 9.68 3.83
C ILE D 32 33.32 9.34 4.71
N VAL D 33 33.39 9.65 6.02
CA VAL D 33 32.25 9.50 6.94
C VAL D 33 32.12 10.84 7.68
N THR D 34 30.96 11.51 7.53
CA THR D 34 30.70 12.78 8.23
C THR D 34 30.00 12.44 9.54
N GLY D 35 30.08 13.34 10.52
CA GLY D 35 29.52 13.13 11.85
C GLY D 35 29.96 11.79 12.42
N ALA D 36 31.28 11.53 12.37
CA ALA D 36 31.85 10.24 12.77
C ALA D 36 32.61 10.22 14.09
N SER D 37 32.41 11.24 14.94
CA SER D 37 33.05 11.31 16.26
C SER D 37 32.25 10.48 17.27
N LYS D 38 30.95 10.29 17.01
CA LYS D 38 30.05 9.52 17.87
C LYS D 38 28.88 8.90 17.07
N GLY D 39 28.00 8.19 17.78
CA GLY D 39 26.80 7.56 17.25
C GLY D 39 27.00 6.62 16.08
N ILE D 40 26.08 6.67 15.09
CA ILE D 40 26.05 5.82 13.88
C ILE D 40 27.29 6.06 12.98
N GLY D 41 27.74 7.32 12.91
CA GLY D 41 28.91 7.71 12.14
C GLY D 41 30.20 7.05 12.62
N ARG D 42 30.42 7.03 13.96
CA ARG D 42 31.57 6.38 14.59
C ARG D 42 31.53 4.88 14.33
N GLU D 43 30.33 4.26 14.45
CA GLU D 43 30.13 2.83 14.20
C GLU D 43 30.44 2.44 12.77
N MET D 44 30.12 3.33 11.81
CA MET D 44 30.39 3.11 10.39
C MET D 44 31.89 3.09 10.12
N ALA D 45 32.63 4.04 10.72
CA ALA D 45 34.09 4.15 10.65
C ALA D 45 34.74 2.86 11.17
N TYR D 46 34.24 2.35 12.32
CA TYR D 46 34.70 1.11 12.97
C TYR D 46 34.51 -0.12 12.08
N HIS D 47 33.31 -0.28 11.47
CA HIS D 47 33.04 -1.39 10.54
C HIS D 47 33.94 -1.31 9.29
N LEU D 48 34.06 -0.10 8.70
CA LEU D 48 34.90 0.14 7.52
C LEU D 48 36.36 -0.18 7.78
N ALA D 49 36.85 0.17 8.99
CA ALA D 49 38.21 -0.10 9.48
C ALA D 49 38.44 -1.62 9.51
N LYS D 50 37.49 -2.38 10.12
CA LYS D 50 37.51 -3.85 10.21
C LYS D 50 37.57 -4.47 8.80
N MET D 51 36.90 -3.82 7.80
CA MET D 51 36.85 -4.24 6.39
C MET D 51 38.12 -3.92 5.60
N GLY D 52 39.02 -3.14 6.19
CA GLY D 52 40.29 -2.77 5.57
C GLY D 52 40.17 -1.64 4.58
N ALA D 53 39.23 -0.72 4.82
CA ALA D 53 39.03 0.45 3.97
C ALA D 53 39.92 1.58 4.46
N HIS D 54 40.17 2.56 3.58
CA HIS D 54 40.86 3.79 3.89
C HIS D 54 39.75 4.71 4.36
N VAL D 55 39.90 5.34 5.53
CA VAL D 55 38.85 6.21 6.06
C VAL D 55 39.32 7.61 6.37
N VAL D 56 38.42 8.59 6.15
CA VAL D 56 38.60 9.99 6.52
C VAL D 56 37.33 10.38 7.26
N VAL D 57 37.47 10.62 8.56
CA VAL D 57 36.35 10.97 9.44
C VAL D 57 36.32 12.46 9.73
N THR D 58 35.12 13.02 9.91
CA THR D 58 34.94 14.44 10.21
C THR D 58 33.77 14.67 11.19
N ALA D 59 33.91 15.76 11.97
CA ALA D 59 33.04 16.32 13.01
C ALA D 59 33.71 17.62 13.51
N ARG D 60 33.22 18.21 14.62
CA ARG D 60 33.81 19.45 15.16
C ARG D 60 34.88 19.20 16.21
N SER D 61 34.78 18.08 16.95
CA SER D 61 35.71 17.73 18.03
C SER D 61 36.95 16.96 17.58
N LYS D 62 38.09 17.67 17.56
CA LYS D 62 39.43 17.18 17.23
C LYS D 62 39.82 16.01 18.14
N GLU D 63 39.63 16.19 19.46
CA GLU D 63 39.94 15.25 20.55
C GLU D 63 39.21 13.91 20.41
N THR D 64 37.88 13.95 20.14
CA THR D 64 37.06 12.76 19.97
C THR D 64 37.42 12.05 18.64
N LEU D 65 37.64 12.84 17.55
CA LEU D 65 38.04 12.33 16.23
C LEU D 65 39.37 11.57 16.29
N GLN D 66 40.34 12.08 17.09
CA GLN D 66 41.67 11.47 17.31
C GLN D 66 41.52 10.05 17.88
N LYS D 67 40.62 9.87 18.88
CA LYS D 67 40.32 8.59 19.51
C LYS D 67 39.72 7.59 18.51
N VAL D 68 38.79 8.07 17.65
CA VAL D 68 38.12 7.28 16.61
C VAL D 68 39.15 6.79 15.59
N VAL D 69 40.07 7.69 15.15
CA VAL D 69 41.16 7.39 14.20
C VAL D 69 42.07 6.29 14.76
N SER D 70 42.48 6.42 16.04
CA SER D 70 43.33 5.45 16.73
C SER D 70 42.68 4.05 16.78
N HIS D 71 41.41 3.97 17.21
CA HIS D 71 40.65 2.72 17.32
C HIS D 71 40.41 2.08 15.94
N CYS D 72 40.28 2.91 14.88
CA CYS D 72 40.09 2.46 13.50
C CYS D 72 41.33 1.75 12.99
N LEU D 73 42.54 2.33 13.23
CA LEU D 73 43.85 1.76 12.90
C LEU D 73 44.07 0.41 13.61
N GLU D 74 43.62 0.31 14.86
CA GLU D 74 43.69 -0.91 15.69
C GLU D 74 42.85 -2.03 15.07
N LEU D 75 41.66 -1.69 14.50
CA LEU D 75 40.74 -2.63 13.87
C LEU D 75 41.20 -3.16 12.51
N GLY D 76 42.20 -2.52 11.91
CA GLY D 76 42.76 -2.94 10.65
C GLY D 76 42.46 -2.06 9.44
N ALA D 77 42.28 -0.74 9.67
CA ALA D 77 42.02 0.19 8.59
C ALA D 77 43.29 0.35 7.77
N ALA D 78 43.18 0.32 6.44
CA ALA D 78 44.31 0.47 5.52
C ALA D 78 45.05 1.82 5.75
N SER D 79 44.28 2.85 6.16
CA SER D 79 44.71 4.19 6.56
C SER D 79 43.53 4.87 7.26
N ALA D 80 43.82 5.79 8.20
CA ALA D 80 42.78 6.50 8.96
C ALA D 80 43.23 7.91 9.31
N HIS D 81 42.42 8.90 8.90
CA HIS D 81 42.67 10.32 9.13
C HIS D 81 41.42 11.05 9.56
N TYR D 82 41.60 12.20 10.22
CA TYR D 82 40.49 13.08 10.60
C TYR D 82 40.80 14.51 10.16
N ILE D 83 39.75 15.30 9.91
CA ILE D 83 39.81 16.74 9.61
C ILE D 83 38.64 17.31 10.39
N ALA D 84 38.93 18.14 11.40
CA ALA D 84 37.89 18.73 12.25
C ALA D 84 37.37 20.05 11.67
N GLY D 85 36.07 20.28 11.85
CA GLY D 85 35.39 21.49 11.38
C GLY D 85 33.88 21.43 11.46
N THR D 86 33.23 22.58 11.26
CA THR D 86 31.77 22.73 11.31
C THR D 86 31.15 22.70 9.91
N MET D 87 30.05 21.96 9.79
CA MET D 87 29.33 21.86 8.52
C MET D 87 28.36 23.05 8.32
N GLU D 88 28.36 24.01 9.26
CA GLU D 88 27.61 25.28 9.15
C GLU D 88 28.36 26.16 8.13
N ASP D 89 29.68 25.89 7.98
CA ASP D 89 30.59 26.58 7.08
C ASP D 89 30.70 25.82 5.76
N MET D 90 30.12 26.40 4.68
CA MET D 90 30.11 25.80 3.35
C MET D 90 31.52 25.75 2.72
N THR D 91 32.39 26.70 3.12
CA THR D 91 33.79 26.75 2.68
C THR D 91 34.53 25.54 3.27
N PHE D 92 34.35 25.26 4.58
CA PHE D 92 34.96 24.10 5.23
C PHE D 92 34.51 22.80 4.56
N ALA D 93 33.19 22.65 4.30
CA ALA D 93 32.61 21.48 3.64
C ALA D 93 33.25 21.21 2.26
N GLU D 94 33.40 22.26 1.45
CA GLU D 94 34.03 22.15 0.13
C GLU D 94 35.52 21.77 0.24
N GLN D 95 36.27 22.45 1.11
CA GLN D 95 37.71 22.19 1.30
C GLN D 95 38.00 20.83 1.94
N PHE D 96 37.12 20.37 2.87
CA PHE D 96 37.25 19.09 3.54
C PHE D 96 37.37 17.94 2.53
N VAL D 97 36.47 17.90 1.53
CA VAL D 97 36.43 16.87 0.49
C VAL D 97 37.75 16.84 -0.31
N ALA D 98 38.25 18.02 -0.74
CA ALA D 98 39.51 18.16 -1.46
C ALA D 98 40.69 17.59 -0.63
N GLN D 99 40.77 17.96 0.67
CA GLN D 99 41.80 17.49 1.60
C GLN D 99 41.72 15.99 1.85
N ALA D 100 40.49 15.45 2.06
CA ALA D 100 40.25 14.04 2.28
C ALA D 100 40.65 13.23 1.03
N GLY D 101 40.31 13.77 -0.15
CA GLY D 101 40.61 13.20 -1.46
C GLY D 101 42.09 13.18 -1.79
N LYS D 102 42.84 14.15 -1.23
CA LYS D 102 44.29 14.25 -1.38
C LYS D 102 44.96 13.25 -0.42
N LEU D 103 44.45 13.13 0.83
CA LEU D 103 44.96 12.18 1.82
C LEU D 103 44.83 10.72 1.37
N MET D 104 43.71 10.38 0.70
CA MET D 104 43.42 9.01 0.26
C MET D 104 43.87 8.68 -1.16
N GLY D 105 44.05 9.71 -2.00
CA GLY D 105 44.41 9.57 -3.40
C GLY D 105 43.22 9.16 -4.24
N GLY D 106 42.05 9.73 -3.90
CA GLY D 106 40.78 9.45 -4.57
C GLY D 106 39.65 9.25 -3.59
N LEU D 107 38.45 8.93 -4.12
CA LEU D 107 37.27 8.69 -3.30
C LEU D 107 36.34 7.68 -3.94
N ASP D 108 35.94 6.65 -3.18
CA ASP D 108 35.03 5.61 -3.64
C ASP D 108 33.65 5.75 -3.03
N MET D 109 33.57 6.15 -1.76
CA MET D 109 32.27 6.30 -1.10
C MET D 109 32.23 7.54 -0.23
N LEU D 110 31.13 8.30 -0.33
CA LEU D 110 30.90 9.50 0.45
C LEU D 110 29.69 9.22 1.33
N ILE D 111 29.90 9.13 2.65
CA ILE D 111 28.83 8.87 3.61
C ILE D 111 28.47 10.18 4.32
N LEU D 112 27.27 10.70 4.00
CA LEU D 112 26.72 11.96 4.51
C LEU D 112 25.81 11.62 5.66
N ASN D 113 26.33 11.85 6.88
CA ASN D 113 25.68 11.39 8.10
C ASN D 113 25.41 12.47 9.17
N HIS D 114 26.26 13.52 9.25
CA HIS D 114 26.10 14.58 10.26
C HIS D 114 24.75 15.31 10.22
N ILE D 115 24.31 15.81 11.38
CA ILE D 115 23.11 16.64 11.54
C ILE D 115 23.40 17.70 12.60
N THR D 116 22.57 18.75 12.67
CA THR D 116 22.68 19.78 13.70
C THR D 116 21.97 19.22 14.94
N ASN D 117 22.39 19.67 16.16
CA ASN D 117 21.78 19.23 17.42
C ASN D 117 20.28 19.57 17.40
N THR D 118 19.44 18.58 17.69
CA THR D 118 17.99 18.74 17.66
C THR D 118 17.32 18.02 18.82
N SER D 119 16.10 18.44 19.17
CA SER D 119 15.33 17.85 20.26
C SER D 119 13.86 17.74 19.87
N LEU D 120 13.06 17.08 20.72
CA LEU D 120 11.63 16.92 20.52
C LEU D 120 10.93 18.10 21.17
N ASN D 121 10.47 19.06 20.35
CA ASN D 121 9.78 20.26 20.80
C ASN D 121 8.81 20.74 19.74
N LEU D 122 7.68 21.31 20.17
CA LEU D 122 6.68 21.88 19.29
C LEU D 122 7.29 23.10 18.62
N PHE D 123 6.91 23.35 17.36
CA PHE D 123 7.38 24.50 16.62
C PHE D 123 6.51 25.70 16.97
N HIS D 124 7.14 26.84 17.31
CA HIS D 124 6.43 28.07 17.62
C HIS D 124 6.88 29.21 16.71
N ASP D 125 8.14 29.65 16.87
CA ASP D 125 8.75 30.74 16.12
C ASP D 125 10.28 30.63 15.96
N ASP D 126 10.84 29.42 16.08
CA ASP D 126 12.29 29.23 15.95
C ASP D 126 12.72 29.03 14.49
N ILE D 127 12.69 30.14 13.74
CA ILE D 127 13.09 30.21 12.33
C ILE D 127 14.59 29.97 12.19
N HIS D 128 15.38 30.38 13.19
CA HIS D 128 16.83 30.21 13.23
C HIS D 128 17.19 28.74 13.29
N HIS D 129 16.39 27.93 13.99
CA HIS D 129 16.59 26.48 14.05
C HIS D 129 16.21 25.83 12.71
N VAL D 130 15.08 26.23 12.08
CA VAL D 130 14.61 25.76 10.76
C VAL D 130 15.71 26.02 9.71
N ARG D 131 16.29 27.24 9.71
CA ARG D 131 17.36 27.63 8.78
C ARG D 131 18.64 26.85 9.05
N LYS D 132 19.04 26.72 10.34
CA LYS D 132 20.25 25.99 10.75
C LYS D 132 20.11 24.52 10.35
N SER D 133 18.92 23.93 10.55
CA SER D 133 18.59 22.54 10.19
C SER D 133 18.71 22.33 8.67
N MET D 134 18.20 23.29 7.87
CA MET D 134 18.27 23.22 6.39
C MET D 134 19.70 23.35 5.88
N GLU D 135 20.49 24.25 6.50
CA GLU D 135 21.88 24.51 6.15
C GLU D 135 22.78 23.29 6.44
N VAL D 136 22.76 22.79 7.67
CA VAL D 136 23.58 21.67 8.12
C VAL D 136 23.12 20.32 7.55
N ASN D 137 21.86 19.93 7.80
CA ASN D 137 21.35 18.62 7.37
C ASN D 137 21.08 18.51 5.87
N PHE D 138 20.89 19.63 5.16
CA PHE D 138 20.61 19.50 3.72
C PHE D 138 21.65 20.21 2.82
N LEU D 139 21.76 21.57 2.90
CA LEU D 139 22.65 22.37 2.03
C LEU D 139 24.13 21.93 2.05
N SER D 140 24.65 21.55 3.23
CA SER D 140 26.04 21.07 3.36
C SER D 140 26.24 19.74 2.61
N TYR D 141 25.20 18.87 2.60
CA TYR D 141 25.21 17.58 1.89
C TYR D 141 25.32 17.85 0.39
N VAL D 142 24.65 18.92 -0.09
CA VAL D 142 24.70 19.34 -1.50
C VAL D 142 26.12 19.83 -1.85
N VAL D 143 26.73 20.69 -1.00
CA VAL D 143 28.10 21.22 -1.20
C VAL D 143 29.13 20.08 -1.20
N LEU D 144 29.01 19.15 -0.22
CA LEU D 144 29.88 17.97 -0.10
C LEU D 144 29.76 17.08 -1.35
N THR D 145 28.54 16.92 -1.89
CA THR D 145 28.27 16.14 -3.11
C THR D 145 28.96 16.80 -4.33
N VAL D 146 28.75 18.12 -4.54
CA VAL D 146 29.35 18.93 -5.62
C VAL D 146 30.89 18.79 -5.59
N ALA D 147 31.49 18.93 -4.40
CA ALA D 147 32.93 18.82 -4.20
C ALA D 147 33.44 17.39 -4.48
N ALA D 148 32.70 16.36 -4.05
CA ALA D 148 33.08 14.93 -4.20
C ALA D 148 32.89 14.31 -5.59
N LEU D 149 31.88 14.76 -6.35
CA LEU D 149 31.46 14.22 -7.63
C LEU D 149 32.59 13.98 -8.66
N PRO D 150 33.52 14.91 -8.99
CA PRO D 150 34.60 14.55 -9.93
C PRO D 150 35.35 13.25 -9.58
N MET D 151 35.77 13.07 -8.30
CA MET D 151 36.47 11.86 -7.85
C MET D 151 35.59 10.62 -7.88
N LEU D 152 34.28 10.80 -7.55
CA LEU D 152 33.29 9.73 -7.55
C LEU D 152 32.97 9.26 -8.98
N LYS D 153 33.07 10.15 -9.97
CA LYS D 153 32.87 9.85 -11.40
C LYS D 153 34.05 9.00 -11.92
N GLN D 154 35.27 9.31 -11.44
CA GLN D 154 36.53 8.62 -11.75
C GLN D 154 36.54 7.15 -11.29
N SER D 155 36.07 6.91 -10.05
CA SER D 155 36.05 5.59 -9.40
C SER D 155 34.71 4.82 -9.55
N ASN D 156 33.71 5.42 -10.21
CA ASN D 156 32.34 4.88 -10.34
C ASN D 156 31.82 4.62 -8.90
N GLY D 157 32.05 5.62 -8.06
CA GLY D 157 31.73 5.62 -6.64
C GLY D 157 30.27 5.73 -6.27
N SER D 158 30.03 5.87 -4.96
CA SER D 158 28.70 5.91 -4.36
C SER D 158 28.55 7.02 -3.32
N ILE D 159 27.32 7.54 -3.20
CA ILE D 159 26.91 8.57 -2.23
C ILE D 159 25.92 7.90 -1.29
N VAL D 160 26.18 7.97 0.01
CA VAL D 160 25.30 7.40 1.03
C VAL D 160 24.75 8.56 1.84
N VAL D 161 23.42 8.73 1.81
CA VAL D 161 22.71 9.81 2.49
C VAL D 161 21.89 9.21 3.64
N VAL D 162 22.25 9.57 4.88
CA VAL D 162 21.57 9.10 6.07
C VAL D 162 20.37 10.03 6.36
N SER D 163 19.18 9.49 6.26
CA SER D 163 17.90 10.16 6.52
C SER D 163 17.26 9.42 7.71
N SER D 164 15.94 9.58 7.90
CA SER D 164 15.17 9.04 9.01
C SER D 164 13.76 8.66 8.52
N LEU D 165 12.91 8.07 9.41
CA LEU D 165 11.49 7.78 9.15
C LEU D 165 10.79 9.13 8.97
N ALA D 166 11.23 10.12 9.76
CA ALA D 166 10.77 11.52 9.74
C ALA D 166 11.15 12.23 8.43
N GLY D 167 11.88 11.54 7.57
CA GLY D 167 12.26 11.98 6.24
C GLY D 167 11.38 11.34 5.18
N LYS D 168 10.40 10.51 5.60
CA LYS D 168 9.46 9.80 4.71
C LYS D 168 8.01 9.98 5.13
N VAL D 169 7.75 10.07 6.44
CA VAL D 169 6.40 10.25 7.00
C VAL D 169 6.41 11.36 8.05
N ALA D 170 5.23 11.91 8.35
CA ALA D 170 5.07 13.00 9.30
C ALA D 170 4.93 12.57 10.75
N TYR D 171 5.63 13.30 11.64
CA TYR D 171 5.60 13.10 13.08
C TYR D 171 5.60 14.47 13.75
N PRO D 172 4.91 14.67 14.88
CA PRO D 172 4.99 15.97 15.57
C PRO D 172 6.32 16.14 16.31
N MET D 173 6.65 17.39 16.70
CA MET D 173 7.83 17.79 17.48
C MET D 173 9.19 17.71 16.74
N VAL D 174 9.17 17.48 15.42
CA VAL D 174 10.38 17.37 14.57
C VAL D 174 10.24 18.14 13.26
N ALA D 175 9.40 19.19 13.20
CA ALA D 175 9.10 19.96 11.96
C ALA D 175 10.33 20.37 11.15
N ALA D 176 11.28 21.12 11.76
CA ALA D 176 12.51 21.59 11.10
C ALA D 176 13.37 20.43 10.60
N TYR D 177 13.56 19.44 11.47
CA TYR D 177 14.34 18.22 11.23
C TYR D 177 13.76 17.42 10.08
N SER D 178 12.43 17.25 10.08
CA SER D 178 11.66 16.53 9.07
C SER D 178 11.76 17.22 7.71
N ALA D 179 11.66 18.57 7.68
CA ALA D 179 11.79 19.38 6.47
C ALA D 179 13.13 19.13 5.80
N SER D 180 14.24 19.21 6.56
CA SER D 180 15.58 18.97 6.01
C SER D 180 15.74 17.53 5.49
N LYS D 181 15.20 16.52 6.22
CA LYS D 181 15.29 15.10 5.83
C LYS D 181 14.47 14.79 4.59
N PHE D 182 13.30 15.42 4.44
CA PHE D 182 12.44 15.30 3.25
C PHE D 182 13.15 15.93 2.05
N ALA D 183 13.80 17.11 2.24
CA ALA D 183 14.56 17.85 1.21
C ALA D 183 15.67 16.97 0.59
N LEU D 184 16.36 16.16 1.42
CA LEU D 184 17.42 15.23 0.98
C LEU D 184 16.84 14.25 -0.04
N ASP D 185 15.65 13.68 0.27
CA ASP D 185 14.92 12.78 -0.61
C ASP D 185 14.58 13.45 -1.95
N GLY D 186 13.94 14.62 -1.91
CA GLY D 186 13.62 15.37 -3.12
C GLY D 186 14.83 15.68 -3.97
N PHE D 187 15.92 16.16 -3.33
CA PHE D 187 17.14 16.49 -4.04
C PHE D 187 17.88 15.26 -4.59
N PHE D 188 18.26 14.32 -3.71
CA PHE D 188 19.05 13.16 -4.12
C PHE D 188 18.32 12.19 -5.05
N SER D 189 16.99 12.06 -4.91
CA SER D 189 16.19 11.19 -5.80
C SER D 189 16.08 11.79 -7.20
N SER D 190 16.07 13.13 -7.29
CA SER D 190 15.99 13.84 -8.56
C SER D 190 17.30 13.73 -9.34
N ILE D 191 18.46 13.89 -8.65
CA ILE D 191 19.76 13.78 -9.31
C ILE D 191 20.07 12.31 -9.68
N ARG D 192 19.49 11.33 -8.96
CA ARG D 192 19.66 9.90 -9.27
C ARG D 192 19.08 9.61 -10.65
N LYS D 193 17.92 10.23 -10.94
CA LYS D 193 17.23 10.12 -12.22
C LYS D 193 18.08 10.78 -13.31
N GLU D 194 18.73 11.92 -12.98
CA GLU D 194 19.62 12.65 -13.88
C GLU D 194 20.86 11.82 -14.24
N TYR D 195 21.45 11.14 -13.25
CA TYR D 195 22.65 10.30 -13.41
C TYR D 195 22.36 9.09 -14.31
N SER D 196 21.14 8.56 -14.21
CA SER D 196 20.66 7.43 -15.01
C SER D 196 20.62 7.79 -16.49
N VAL D 197 20.07 8.98 -16.83
CA VAL D 197 19.95 9.45 -18.22
C VAL D 197 21.26 10.08 -18.76
N SER D 198 22.11 10.62 -17.86
CA SER D 198 23.40 11.23 -18.24
C SER D 198 24.54 10.21 -18.27
N ARG D 199 24.23 8.94 -17.90
CA ARG D 199 25.17 7.81 -17.84
C ARG D 199 26.30 8.06 -16.81
N VAL D 200 25.93 8.68 -15.67
CA VAL D 200 26.85 8.95 -14.54
C VAL D 200 26.74 7.73 -13.64
N ASN D 201 27.84 6.95 -13.55
CA ASN D 201 27.89 5.70 -12.79
C ASN D 201 28.24 5.92 -11.30
N VAL D 202 27.52 6.88 -10.67
CA VAL D 202 27.63 7.20 -9.24
C VAL D 202 26.28 6.81 -8.62
N SER D 203 26.28 5.84 -7.70
CA SER D 203 25.04 5.40 -7.04
C SER D 203 24.68 6.31 -5.86
N ILE D 204 23.38 6.36 -5.51
CA ILE D 204 22.85 7.19 -4.42
C ILE D 204 21.98 6.30 -3.54
N THR D 205 22.38 6.12 -2.27
CA THR D 205 21.66 5.33 -1.30
C THR D 205 21.04 6.24 -0.23
N LEU D 206 19.70 6.27 -0.17
CA LEU D 206 18.97 7.01 0.86
C LEU D 206 18.66 6.04 1.99
N CYS D 207 19.13 6.34 3.21
CA CYS D 207 18.91 5.45 4.36
C CYS D 207 17.83 5.96 5.28
N VAL D 208 16.68 5.25 5.32
CA VAL D 208 15.52 5.59 6.17
C VAL D 208 15.69 4.80 7.47
N LEU D 209 15.99 5.52 8.58
CA LEU D 209 16.20 4.88 9.89
C LEU D 209 15.15 5.22 10.93
N GLY D 210 14.83 4.23 11.76
CA GLY D 210 13.94 4.35 12.91
C GLY D 210 14.78 4.76 14.10
N LEU D 211 14.20 4.76 15.32
CA LEU D 211 14.96 5.10 16.52
C LEU D 211 16.16 4.14 16.72
N ILE D 212 17.37 4.71 16.90
CA ILE D 212 18.64 4.01 17.09
C ILE D 212 19.18 4.35 18.50
N ASP D 213 19.71 3.34 19.21
CA ASP D 213 20.18 3.44 20.60
C ASP D 213 21.48 4.29 20.81
N THR D 214 21.66 5.39 20.04
CA THR D 214 22.79 6.30 20.23
C THR D 214 22.51 7.12 21.49
N GLU D 215 23.58 7.59 22.16
CA GLU D 215 23.48 8.41 23.38
C GLU D 215 22.59 9.65 23.21
N THR D 216 22.73 10.34 22.05
CA THR D 216 21.95 11.54 21.70
C THR D 216 20.46 11.23 21.62
N ALA D 217 20.09 10.22 20.82
CA ALA D 217 18.69 9.82 20.60
C ALA D 217 18.01 9.32 21.86
N MET D 218 18.75 8.60 22.71
CA MET D 218 18.21 8.07 23.97
C MET D 218 17.88 9.18 24.95
N LYS D 219 18.76 10.20 25.00
CA LYS D 219 18.63 11.39 25.83
C LYS D 219 17.44 12.23 25.35
N ALA D 220 17.33 12.42 24.01
CA ALA D 220 16.26 13.21 23.38
C ALA D 220 14.86 12.60 23.50
N VAL D 221 14.72 11.26 23.50
CA VAL D 221 13.42 10.59 23.59
C VAL D 221 12.97 10.29 25.03
N SER D 222 13.86 10.46 26.01
CA SER D 222 13.61 10.21 27.44
C SER D 222 12.41 11.00 28.01
N GLY D 223 11.31 10.29 28.29
CA GLY D 223 10.08 10.84 28.88
C GLY D 223 9.16 11.59 27.95
N ILE D 224 9.37 11.45 26.62
CA ILE D 224 8.57 12.11 25.58
C ILE D 224 8.11 11.05 24.58
N VAL D 225 9.04 10.18 24.17
CA VAL D 225 8.78 9.11 23.21
C VAL D 225 9.07 7.76 23.84
N HIS D 226 8.09 6.85 23.77
CA HIS D 226 8.19 5.51 24.32
C HIS D 226 8.07 4.46 23.21
N MET D 227 9.21 4.14 22.58
CA MET D 227 9.32 3.15 21.51
C MET D 227 10.67 2.43 21.53
N GLN D 228 10.71 1.24 20.89
CA GLN D 228 11.89 0.39 20.79
C GLN D 228 12.99 1.02 19.94
N ALA D 229 14.23 0.96 20.46
CA ALA D 229 15.46 1.45 19.85
C ALA D 229 16.23 0.27 19.26
N ALA D 230 16.70 0.44 18.02
CA ALA D 230 17.47 -0.58 17.33
C ALA D 230 18.98 -0.38 17.59
N PRO D 231 19.82 -1.46 17.61
CA PRO D 231 21.27 -1.26 17.89
C PRO D 231 22.03 -0.49 16.81
N LYS D 232 22.82 0.51 17.27
CA LYS D 232 23.65 1.39 16.42
C LYS D 232 24.69 0.64 15.59
N GLU D 233 25.23 -0.48 16.11
CA GLU D 233 26.25 -1.31 15.47
C GLU D 233 25.73 -1.93 14.17
N GLU D 234 24.57 -2.63 14.23
CA GLU D 234 23.93 -3.27 13.09
C GLU D 234 23.42 -2.21 12.09
N CYS D 235 22.90 -1.08 12.61
CA CYS D 235 22.40 0.04 11.81
C CYS D 235 23.51 0.53 10.89
N ALA D 236 24.69 0.82 11.47
CA ALA D 236 25.88 1.28 10.76
C ALA D 236 26.31 0.30 9.67
N LEU D 237 26.20 -1.02 9.95
CA LEU D 237 26.53 -2.11 9.02
C LEU D 237 25.53 -2.14 7.86
N GLU D 238 24.22 -2.04 8.16
CA GLU D 238 23.16 -2.01 7.15
C GLU D 238 23.33 -0.86 6.16
N ILE D 239 23.75 0.32 6.66
CA ILE D 239 24.02 1.52 5.84
C ILE D 239 25.17 1.22 4.87
N ILE D 240 26.27 0.62 5.36
CA ILE D 240 27.45 0.24 4.57
C ILE D 240 27.04 -0.76 3.47
N LYS D 241 26.25 -1.79 3.84
CA LYS D 241 25.73 -2.83 2.94
C LYS D 241 25.02 -2.24 1.72
N GLY D 242 24.05 -1.34 1.97
CA GLY D 242 23.27 -0.64 0.95
C GLY D 242 24.08 0.17 -0.04
N GLY D 243 25.08 0.88 0.46
CA GLY D 243 26.02 1.67 -0.33
C GLY D 243 26.90 0.77 -1.19
N ALA D 244 27.39 -0.34 -0.59
CA ALA D 244 28.22 -1.33 -1.25
C ALA D 244 27.44 -2.06 -2.38
N LEU D 245 26.17 -2.42 -2.11
CA LEU D 245 25.30 -3.08 -3.09
C LEU D 245 24.67 -2.11 -4.09
N ARG D 246 24.90 -0.79 -3.91
CA ARG D 246 24.39 0.31 -4.76
C ARG D 246 22.85 0.34 -4.75
N GLN D 247 22.27 -0.01 -3.58
CA GLN D 247 20.83 -0.02 -3.33
C GLN D 247 20.35 1.43 -3.31
N GLU D 248 19.23 1.70 -3.96
CA GLU D 248 18.66 3.04 -4.03
C GLU D 248 18.24 3.51 -2.64
N GLU D 249 17.69 2.59 -1.83
CA GLU D 249 17.22 2.88 -0.47
C GLU D 249 17.50 1.73 0.51
N VAL D 250 17.72 2.08 1.78
CA VAL D 250 17.96 1.15 2.88
C VAL D 250 16.93 1.48 3.95
N TYR D 251 16.32 0.45 4.56
CA TYR D 251 15.36 0.64 5.63
C TYR D 251 15.82 -0.16 6.85
N TYR D 252 15.91 0.52 8.00
CA TYR D 252 16.32 -0.12 9.24
C TYR D 252 15.53 0.43 10.42
N ASP D 253 14.69 -0.43 11.02
CA ASP D 253 13.83 -0.15 12.17
C ASP D 253 13.60 -1.43 13.01
N SER D 254 13.34 -1.24 14.32
CA SER D 254 13.06 -2.30 15.30
C SER D 254 11.83 -3.12 14.95
N SER D 255 10.73 -2.45 14.52
CA SER D 255 9.46 -3.06 14.16
C SER D 255 9.51 -3.60 12.72
N ARG D 256 8.96 -4.81 12.51
CA ARG D 256 8.87 -5.42 11.17
C ARG D 256 7.64 -4.89 10.41
N TRP D 257 6.68 -4.30 11.14
CA TRP D 257 5.46 -3.69 10.61
C TRP D 257 5.86 -2.39 9.88
N THR D 258 6.78 -1.60 10.50
CA THR D 258 7.31 -0.33 9.96
C THR D 258 8.16 -0.56 8.71
N THR D 259 9.01 -1.61 8.71
CA THR D 259 9.88 -1.97 7.58
C THR D 259 9.08 -2.42 6.33
N LEU D 260 7.86 -2.99 6.56
CA LEU D 260 6.95 -3.48 5.52
C LEU D 260 6.06 -2.36 4.93
N LEU D 261 5.64 -1.38 5.76
CA LEU D 261 4.78 -0.26 5.36
C LEU D 261 5.52 0.98 4.82
N ILE D 262 6.84 1.10 5.10
CA ILE D 262 7.66 2.25 4.69
C ILE D 262 7.76 2.39 3.15
N ARG D 263 7.90 1.26 2.43
CA ARG D 263 8.04 1.24 0.98
C ARG D 263 6.83 1.86 0.28
N ASN D 264 7.10 2.65 -0.78
CA ASN D 264 6.07 3.32 -1.58
C ASN D 264 6.15 2.81 -3.02
N PRO D 265 5.47 1.66 -3.27
CA PRO D 265 5.51 1.08 -4.63
C PRO D 265 4.84 1.94 -5.68
N CYS D 266 3.80 2.69 -5.29
CA CYS D 266 3.05 3.61 -6.15
C CYS D 266 3.94 4.76 -6.64
N ARG D 267 4.88 5.21 -5.78
CA ARG D 267 5.83 6.28 -6.09
C ARG D 267 6.76 5.83 -7.21
N LYS D 268 7.32 4.60 -7.11
CA LYS D 268 8.22 4.04 -8.11
C LYS D 268 7.54 3.81 -9.47
N ILE D 269 6.22 3.53 -9.46
CA ILE D 269 5.38 3.32 -10.66
C ILE D 269 5.15 4.65 -11.38
N LEU D 270 4.79 5.71 -10.63
CA LEU D 270 4.58 7.07 -11.16
C LEU D 270 5.82 7.59 -11.87
N GLU D 271 7.00 7.38 -11.24
CA GLU D 271 8.32 7.79 -11.75
C GLU D 271 8.64 7.08 -13.06
N GLU D 272 8.37 5.75 -13.13
CA GLU D 272 8.58 4.92 -14.32
C GLU D 272 7.62 5.31 -15.44
N LEU D 273 6.40 5.75 -15.09
CA LEU D 273 5.38 6.20 -16.04
C LEU D 273 5.75 7.56 -16.64
N TYR D 274 6.32 8.45 -15.80
CA TYR D 274 6.74 9.80 -16.19
C TYR D 274 8.10 9.86 -16.88
N SER D 275 8.90 8.77 -16.83
CA SER D 275 10.24 8.69 -17.46
C SER D 275 10.18 8.70 -19.00
N THR D 276 8.97 8.56 -19.57
CA THR D 276 8.70 8.57 -21.01
C THR D 276 8.03 9.90 -21.45
N SER D 277 8.33 11.00 -20.73
CA SER D 277 7.77 12.32 -21.00
C SER D 277 8.83 13.38 -21.37
N TYR D 278 10.06 13.25 -20.85
CA TYR D 278 11.17 14.19 -21.12
C TYR D 278 12.23 13.67 -22.12
N ASN D 279 13.06 14.59 -22.63
CA ASN D 279 14.16 14.34 -23.55
C ASN D 279 15.43 15.01 -23.00
N MET D 280 16.57 14.29 -23.03
CA MET D 280 17.86 14.79 -22.53
C MET D 280 19.01 14.62 -23.53
N ASP D 281 18.77 13.85 -24.61
CA ASP D 281 19.72 13.57 -25.69
C ASP D 281 20.05 14.81 -26.52
PA NAP E . -26.67 -15.78 13.85
O1A NAP E . -27.28 -15.06 14.99
O2A NAP E . -26.22 -17.19 14.19
O5B NAP E . -27.79 -16.02 12.74
C5B NAP E . -27.56 -16.68 11.48
C4B NAP E . -28.89 -16.84 10.81
O4B NAP E . -28.78 -17.79 9.71
C3B NAP E . -30.02 -17.33 11.71
O3B NAP E . -31.19 -16.54 11.50
C2B NAP E . -30.24 -18.77 11.29
O2B NAP E . -31.63 -19.11 11.45
C1B NAP E . -29.82 -18.75 9.81
N9A NAP E . -29.35 -20.02 9.26
C8A NAP E . -28.52 -20.94 9.84
N7A NAP E . -28.39 -22.05 9.17
C5A NAP E . -29.20 -21.86 8.05
C6A NAP E . -29.51 -22.68 6.94
N6A NAP E . -28.99 -23.90 6.73
N1A NAP E . -30.37 -22.19 6.03
C2A NAP E . -30.86 -20.95 6.20
N3A NAP E . -30.62 -20.09 7.18
C4A NAP E . -29.79 -20.60 8.08
O3 NAP E . -25.54 -15.02 13.00
PN NAP E . -24.85 -13.57 12.93
O1N NAP E . -23.76 -13.55 13.93
O2N NAP E . -25.88 -12.51 12.97
O5D NAP E . -24.18 -13.61 11.50
C5D NAP E . -24.87 -13.14 10.32
C4D NAP E . -23.84 -12.81 9.26
O4D NAP E . -22.84 -11.93 9.81
C3D NAP E . -23.08 -14.01 8.72
O3D NAP E . -22.94 -13.92 7.31
C2D NAP E . -21.76 -13.90 9.47
O2D NAP E . -20.68 -14.45 8.72
C1D NAP E . -21.56 -12.37 9.51
N1N NAP E . -20.60 -11.98 10.65
C2N NAP E . -21.01 -12.08 11.98
C3N NAP E . -20.10 -11.82 12.99
C7N NAP E . -20.45 -11.86 14.46
O7N NAP E . -19.53 -11.83 15.31
N7N NAP E . -21.75 -12.01 14.81
C4N NAP E . -18.82 -11.43 12.66
C5N NAP E . -18.45 -11.32 11.34
C6N NAP E . -19.35 -11.60 10.34
P2B NAP E . -32.19 -20.60 11.56
O1X NAP E . -32.15 -21.18 10.23
O2X NAP E . -31.27 -21.27 12.57
O3X NAP E . -33.57 -20.54 12.21
HOA2 NAP E . -25.53 -17.78 13.77
H51A NAP E . -26.93 -16.00 10.91
H52A NAP E . -27.02 -17.62 11.61
H4B NAP E . -29.15 -15.91 10.30
H3B NAP E . -29.73 -17.30 12.76
HO3A NAP E . -30.97 -15.63 11.81
H2B NAP E . -29.61 -19.41 11.90
H1B NAP E . -30.62 -18.39 9.17
H8A NAP E . -28.02 -20.77 10.79
H61A NAP E . -28.32 -24.30 7.38
H62A NAP E . -29.25 -24.46 5.93
H2A NAP E . -31.53 -20.60 5.42
H51N NAP E . -25.55 -12.29 10.48
H52N NAP E . -25.51 -13.97 10.03
H4D NAP E . -24.30 -12.26 8.44
H3D NAP E . -23.55 -14.95 8.98
HO3N NAP E . -22.51 -13.05 7.09
H2D NAP E . -21.80 -14.35 10.46
HO2N NAP E . -20.61 -15.42 8.92
H1D NAP E . -21.18 -11.90 8.60
H2N NAP E . -22.02 -12.41 12.19
H71N NAP E . -22.02 -12.04 15.78
H72N NAP E . -22.53 -12.08 14.16
H4N NAP E . -18.06 -11.24 13.42
H5N NAP E . -17.42 -11.05 11.06
H6N NAP E . -19.04 -11.58 9.31
HOP2 NAP E . -31.12 -20.79 13.43
HOP3 NAP E . -33.91 -19.77 12.71
C13 8K4 F . -15.46 -16.10 15.66
C18 8K4 F . -17.12 -14.06 12.72
C17 8K4 F . -15.55 -16.55 13.33
C16 8K4 F . -16.08 -17.81 13.59
C15 8K4 F . -16.27 -18.17 14.88
C22 8K4 F . -18.74 -15.10 14.43
C23 8K4 F . -19.79 -15.97 13.70
C24 8K4 F . -19.24 -15.47 12.37
C11 8K4 F . -15.26 -15.66 14.35
C12 8K4 F . -16.23 -13.46 13.80
C1 8K4 F . -13.89 -14.07 12.84
C2 8K4 F . -14.86 -14.16 14.06
C3 8K4 F . -14.12 -13.49 15.24
C4 8K4 F . -13.79 -12.02 14.93
C5 8K4 F . -12.87 -11.95 13.71
C6 8K4 F . -13.56 -12.61 12.52
C7 8K4 F . -12.57 -14.80 13.14
C8 8K4 F . -11.56 -12.69 14.02
C9 8K4 F . -11.87 -14.15 14.34
C10 8K4 F . -12.79 -14.21 15.56
C14 8K4 F . -15.98 -17.36 15.93
N19 8K4 F . -18.20 -14.76 13.11
O20 8K4 F . -16.87 -13.85 11.54
F21 8K4 F . -16.80 -19.41 15.15
O25 8K4 F . -19.39 -17.33 13.93
C26 8K4 F . -20.43 -18.16 14.40
H43 8K4 F . -15.23 -15.47 16.52
H46 8K4 F . -15.37 -16.30 12.28
H45 8K4 F . -16.32 -18.48 12.77
H47 8K4 F . -18.07 -15.63 15.09
H48 8K4 F . -19.14 -14.27 15.01
H49 8K4 F . -20.85 -15.78 13.92
H51 8K4 F . -19.92 -14.85 11.78
H50 8K4 F . -18.89 -16.26 11.71
H42 8K4 F . -16.80 -13.44 14.72
H41 8K4 F . -16.06 -12.41 13.59
H27 8K4 F . -14.33 -14.50 11.94
H28 8K4 F . -14.74 -13.48 16.15
H30 8K4 F . -13.29 -11.58 15.80
H29 8K4 F . -14.68 -11.40 14.82
H31 8K4 F . -12.66 -10.91 13.48
H32 8K4 F . -14.42 -12.03 12.18
H33 8K4 F . -12.90 -12.57 11.65
H35 8K4 F . -11.92 -14.76 12.26
H34 8K4 F . -12.71 -15.86 13.30
H36 8K4 F . -10.90 -12.63 13.15
H37 8K4 F . -11.02 -12.22 14.83
H38 8K4 F . -10.94 -14.68 14.55
H39 8K4 F . -12.93 -15.26 15.87
H40 8K4 F . -12.31 -13.75 16.41
H44 8K4 F . -16.13 -17.68 16.96
H52 8K4 F . -19.94 -19.12 14.55
H53 8K4 F . -21.21 -18.27 13.65
H54 8K4 F . -20.86 -17.82 15.33
PA NAP G . -2.94 -26.78 -18.10
O1A NAP G . -1.76 -26.91 -18.98
O2A NAP G . -4.27 -26.66 -18.84
O5B NAP G . -2.99 -28.02 -17.10
C5B NAP G . -4.11 -28.45 -16.29
C4B NAP G . -3.71 -29.83 -15.83
O4B NAP G . -4.73 -30.39 -14.97
C3B NAP G . -3.51 -30.85 -16.95
O3B NAP G . -2.51 -31.80 -16.62
C2B NAP G . -4.88 -31.54 -17.00
O2B NAP G . -4.75 -32.84 -17.59
C1B NAP G . -5.23 -31.59 -15.51
N9A NAP G . -6.65 -31.71 -15.16
C8A NAP G . -7.69 -31.03 -15.73
N7A NAP G . -8.88 -31.39 -15.28
C5A NAP G . -8.57 -32.37 -14.35
C6A NAP G . -9.39 -33.17 -13.51
N6A NAP G . -10.73 -33.20 -13.57
N1A NAP G . -8.77 -34.03 -12.68
C2A NAP G . -7.44 -34.11 -12.69
N3A NAP G . -6.57 -33.43 -13.45
C4A NAP G . -7.21 -32.58 -14.26
O3 NAP G . -2.90 -25.58 -17.04
PN NAP G . -1.73 -24.59 -16.61
O1N NAP G . -1.87 -23.35 -17.40
O2N NAP G . -0.42 -25.28 -16.61
O5D NAP G . -2.14 -24.26 -15.10
C5D NAP G . -1.62 -25.00 -13.99
C4D NAP G . -1.87 -24.26 -12.70
O4D NAP G . -1.38 -22.91 -12.84
C3D NAP G . -3.32 -24.10 -12.26
O3D NAP G . -3.43 -24.16 -10.84
C2D NAP G . -3.65 -22.70 -12.79
O2D NAP G . -4.68 -22.05 -12.04
C1D NAP G . -2.35 -22.01 -12.40
N1N NAP G . -2.14 -20.72 -13.16
C2N NAP G . -1.96 -20.76 -14.57
C3N NAP G . -1.83 -19.58 -15.27
C7N NAP G . -1.51 -19.50 -16.76
O7N NAP G . -1.54 -18.43 -17.32
N7N NAP G . -1.20 -20.63 -17.40
C4N NAP G . -1.90 -18.38 -14.56
C5N NAP G . -2.07 -18.37 -13.19
C6N NAP G . -2.18 -19.55 -12.50
P2B NAP G . -5.97 -33.78 -18.00
O1X NAP G . -6.66 -34.31 -16.87
O2X NAP G . -6.85 -32.94 -18.92
O3X NAP G . -5.28 -34.86 -18.82
HOA2 NAP G . -5.18 -26.46 -18.51
H51A NAP G . -4.14 -27.75 -15.46
H52A NAP G . -5.06 -28.41 -16.82
H4B NAP G . -2.83 -29.77 -15.18
H3B NAP G . -3.28 -30.37 -17.89
HO3A NAP G . -1.64 -31.33 -16.75
H2B NAP G . -5.56 -30.92 -17.58
H1B NAP G . -4.71 -32.40 -15.01
H8A NAP G . -7.57 -30.29 -16.51
H61A NAP G . -11.23 -32.62 -14.23
H62A NAP G . -11.28 -33.78 -12.94
H2A NAP G . -7.00 -34.83 -12.01
H51N NAP G . -0.56 -25.25 -14.06
H52N NAP G . -2.16 -25.95 -14.02
H4D NAP G . -1.28 -24.68 -11.89
H3D NAP G . -3.99 -24.83 -12.72
HO3N NAP G . -3.82 -25.06 -10.64
H2D NAP G . -3.87 -22.68 -13.84
HO2N NAP G . -5.55 -22.19 -12.51
H1D NAP G . -2.21 -21.79 -11.34
H2N NAP G . -1.97 -21.73 -15.06
H71N NAP G . -0.96 -20.61 -18.38
H72N NAP G . -1.15 -21.56 -16.99
H4N NAP G . -1.87 -17.42 -15.07
H5N NAP G . -2.15 -17.44 -12.63
H6N NAP G . -2.34 -19.54 -11.42
HOP2 NAP G . -6.40 -32.43 -19.63
HOP3 NAP G . -4.75 -34.69 -19.64
C13 8K4 H . -6.84 -16.21 -18.09
C18 8K4 H . -5.05 -17.74 -15.19
C17 8K4 H . -7.73 -16.80 -15.97
C16 8K4 H . -8.61 -17.68 -16.57
C15 8K4 H . -8.57 -17.79 -17.94
C22 8K4 H . -4.98 -19.14 -17.36
C23 8K4 H . -5.44 -20.59 -17.10
C24 8K4 H . -5.84 -20.14 -15.66
C11 8K4 H . -6.80 -16.08 -16.71
C12 8K4 H . -4.54 -16.48 -15.86
C1 8K4 H . -6.02 -14.73 -14.63
C2 8K4 H . -5.60 -15.34 -16.00
C3 8K4 H . -5.06 -14.15 -16.86
C4 8K4 H . -3.86 -13.49 -16.16
C5 8K4 H . -4.27 -12.93 -14.81
C6 8K4 H . -4.82 -14.07 -13.94
C7 8K4 H . -7.10 -13.66 -14.81
C8 8K4 H . -5.35 -11.87 -15.00
C9 8K4 H . -6.56 -12.52 -15.69
C10 8K4 H . -6.14 -13.08 -17.04
C14 8K4 H . -7.72 -17.07 -18.72
N19 8K4 H . -5.23 -18.84 -15.95
O20 8K4 H . -5.30 -17.74 -14.01
F21 8K4 H . -9.43 -18.66 -18.54
O25 8K4 H . -6.52 -20.78 -18.02
C26 8K4 H . -7.27 -21.96 -17.82
H43 8K4 H . -6.17 -15.63 -18.74
H46 8K4 H . -7.82 -16.69 -14.89
H45 8K4 H . -9.30 -18.27 -15.98
H47 8K4 H . -5.58 -18.58 -18.07
H48 8K4 H . -3.95 -19.02 -17.69
H49 8K4 H . -4.68 -21.37 -17.18
H51 8K4 H . -5.37 -20.73 -14.86
H50 8K4 H . -6.91 -20.10 -15.45
H42 8K4 H . -4.16 -16.74 -16.83
H41 8K4 H . -3.67 -16.10 -15.34
H27 8K4 H . -6.39 -15.48 -13.95
H28 8K4 H . -4.71 -14.47 -17.83
H30 8K4 H . -3.48 -12.68 -16.79
H29 8K4 H . -3.00 -14.16 -16.08
H31 8K4 H . -3.40 -12.48 -14.32
H32 8K4 H . -4.03 -14.78 -13.66
H33 8K4 H . -5.13 -13.67 -12.97
H35 8K4 H . -7.41 -13.27 -13.84
H34 8K4 H . -8.03 -14.06 -15.23
H36 8K4 H . -5.65 -11.46 -14.04
H37 8K4 H . -4.99 -11.03 -15.56
H38 8K4 H . -7.35 -11.76 -15.82
H39 8K4 H . -7.01 -13.44 -17.59
H40 8K4 H . -5.76 -12.27 -17.67
H44 8K4 H . -7.73 -17.16 -19.81
H52 8K4 H . -8.20 -21.80 -18.36
H53 8K4 H . -7.48 -22.15 -16.77
H54 8K4 H . -6.76 -22.85 -18.21
PA NAP I . 4.12 31.77 -12.40
O1A NAP I . 3.09 32.02 -13.43
O2A NAP I . 5.56 31.87 -12.88
O5B NAP I . 4.03 32.84 -11.22
C5B NAP I . 4.95 32.89 -10.11
C4B NAP I . 4.50 34.04 -9.26
O4B NAP I . 5.42 34.21 -8.15
C3B NAP I . 4.44 35.38 -9.99
O3B NAP I . 3.31 36.16 -9.59
C2B NAP I . 5.74 36.06 -9.57
O2B NAP I . 5.58 37.49 -9.60
C1B NAP I . 5.92 35.53 -8.14
N9A NAP I . 7.29 35.53 -7.62
C8A NAP I . 8.43 35.12 -8.26
N7A NAP I . 9.53 35.35 -7.59
C5A NAP I . 9.09 35.96 -6.43
C6A NAP I . 9.77 36.52 -5.33
N6A NAP I . 11.10 36.53 -5.19
N1A NAP I . 9.03 37.09 -4.35
C2A NAP I . 7.69 37.11 -4.49
N3A NAP I . 6.94 36.64 -5.48
C4A NAP I . 7.70 36.06 -6.43
O3 NAP I . 3.96 30.42 -11.56
PN NAP I . 2.81 29.30 -11.60
O1N NAP I . 3.11 28.41 -12.74
O2N NAP I . 1.48 29.94 -11.54
O5D NAP I . 3.09 28.52 -10.24
C5D NAP I . 2.45 28.89 -8.99
C4D NAP I . 2.63 27.77 -7.98
O4D NAP I . 2.13 26.53 -8.52
C3D NAP I . 4.06 27.49 -7.52
O3D NAP I . 4.08 27.18 -6.13
C2D NAP I . 4.41 26.26 -8.34
O2D NAP I . 5.35 25.42 -7.67
C1D NAP I . 3.06 25.51 -8.32
N1N NAP I . 3.01 24.53 -9.50
C2N NAP I . 2.85 24.99 -10.80
C3N NAP I . 2.93 24.12 -11.88
C7N NAP I . 2.79 24.53 -13.32
O7N NAP I . 3.12 23.74 -14.20
N7N NAP I . 2.42 25.78 -13.59
C4N NAP I . 3.11 22.76 -11.61
C5N NAP I . 3.27 22.32 -10.30
C6N NAP I . 3.22 23.22 -9.27
P2B NAP I . 6.78 38.54 -9.53
O1X NAP I . 7.33 38.57 -8.22
O2X NAP I . 7.81 38.15 -10.63
O3X NAP I . 6.04 39.82 -9.91
HOA2 NAP I . 6.41 31.62 -12.42
H51A NAP I . 4.80 31.95 -9.58
H52A NAP I . 5.99 32.94 -10.43
H4B NAP I . 3.56 33.80 -8.77
H3B NAP I . 4.42 35.25 -11.07
HO3A NAP I . 2.52 35.65 -9.91
H2B NAP I . 6.54 35.75 -10.24
H1B NAP I . 5.31 36.09 -7.43
H8A NAP I . 8.42 34.64 -9.24
H61A NAP I . 11.70 36.12 -5.92
H62A NAP I . 11.56 36.94 -4.39
H2A NAP I . 7.15 37.56 -3.66
H51N NAP I . 1.41 29.16 -9.08
H52N NAP I . 2.97 29.79 -8.69
H4D NAP I . 2.00 27.97 -7.11
H3D NAP I . 4.76 28.29 -7.75
HO3N NAP I . 4.33 28.03 -5.68
H2D NAP I . 4.76 26.49 -9.35
HO2N NAP I . 6.26 25.78 -7.86
H1D NAP I . 2.83 24.94 -7.42
H2N NAP I . 2.68 26.06 -10.95
H71N NAP I . 2.31 26.08 -14.55
H72N NAP I . 2.20 26.50 -12.91
H4N NAP I . 3.15 22.02 -12.40
H5N NAP I . 3.45 21.27 -10.09
H6N NAP I . 3.40 22.87 -8.25
HOP2 NAP I . 7.45 37.74 -11.47
HOP3 NAP I . 5.84 40.09 -10.85
C13 8K4 J . 8.34 21.56 -15.27
C18 8K4 J . 6.18 22.19 -12.08
C17 8K4 J . 8.98 21.64 -12.98
C16 8K4 J . 9.94 22.60 -13.27
C15 8K4 J . 10.06 23.01 -14.57
C22 8K4 J . 6.52 24.21 -13.65
C23 8K4 J . 6.83 25.50 -12.85
C24 8K4 J . 7.01 24.60 -11.60
C11 8K4 J . 8.14 21.13 -13.97
C12 8K4 J . 5.81 21.26 -13.21
C1 8K4 J . 7.22 19.22 -12.43
C2 8K4 J . 6.91 20.21 -13.59
C3 8K4 J . 6.43 19.33 -14.79
C4 8K4 J . 5.19 18.51 -14.41
C5 8K4 J . 5.51 17.58 -13.25
C6 8K4 J . 5.98 18.40 -12.05
C7 8K4 J . 8.33 18.24 -12.85
C8 8K4 J . 6.61 16.62 -13.67
C9 8K4 J . 7.87 17.42 -14.06
C10 8K4 J . 7.53 18.35 -15.22
C14 8K4 J . 9.29 22.52 -15.58
N19 8K4 J . 6.51 23.48 -12.39
O20 8K4 J . 6.20 21.78 -10.93
F21 8K4 J . 10.98 23.97 -14.86
O25 8K4 J . 8.05 25.98 -13.44
C26 8K4 J . 8.48 27.23 -12.96
H43 8K4 J . 7.76 21.17 -16.11
H46 8K4 J . 8.92 21.30 -11.95
H45 8K4 J . 10.56 23.02 -12.48
H47 8K4 J . 7.28 23.89 -14.37
H48 8K4 J . 5.57 24.22 -14.20
H49 8K4 J . 6.06 26.25 -12.81
H51 8K4 J . 6.41 24.88 -10.74
H50 8K4 J . 8.04 24.48 -11.25
H42 8K4 J . 5.54 21.85 -14.08
H41 8K4 J . 4.88 20.74 -12.97
H27 8K4 J . 7.56 19.74 -11.53
H28 8K4 J . 6.15 19.94 -15.65
H30 8K4 J . 4.87 17.93 -15.28
H29 8K4 J . 4.31 19.13 -14.21
H31 8K4 J . 4.62 17.01 -12.98
H32 8K4 J . 5.18 19.01 -11.64
H33 8K4 J . 6.23 17.73 -11.24
H35 8K4 J . 8.57 17.58 -12.02
H34 8K4 J . 9.27 18.74 -13.07
H36 8K4 J . 6.84 15.92 -12.87
H37 8K4 J . 6.29 15.98 -14.50
H38 8K4 J . 8.66 16.73 -14.35
H39 8K4 J . 8.44 18.84 -15.57
H40 8K4 J . 7.19 17.77 -16.07
H44 8K4 J . 9.41 22.87 -16.61
H52 8K4 J . 9.37 27.44 -13.54
H53 8K4 J . 8.73 27.22 -11.90
H54 8K4 J . 7.74 28.02 -13.13
PA NAP K . 24.76 11.84 17.19
O1A NAP K . 25.35 10.87 18.15
O2A NAP K . 24.29 13.14 17.84
O5B NAP K . 25.85 12.25 16.10
C5B NAP K . 25.87 13.45 15.28
C4B NAP K . 27.26 13.59 14.69
O4B NAP K . 27.34 14.78 13.89
C3B NAP K . 28.38 13.68 15.73
O3B NAP K . 29.54 12.99 15.27
C2B NAP K . 28.61 15.18 15.83
O2B NAP K . 29.96 15.47 16.27
C1B NAP K . 28.34 15.63 14.39
N9A NAP K . 27.93 17.03 14.22
C8A NAP K . 27.01 17.74 14.96
N7A NAP K . 26.91 19.00 14.61
C5A NAP K . 27.80 19.13 13.57
C6A NAP K . 28.19 20.24 12.77
N6A NAP K . 27.72 21.48 12.93
N1A NAP K . 29.13 20.02 11.82
C2A NAP K . 29.64 18.80 11.67
N3A NAP K . 29.36 17.69 12.36
C4A NAP K . 28.44 17.93 13.30
O3 NAP K . 23.55 11.32 16.28
PN NAP K . 23.22 9.96 15.52
O1N NAP K . 22.10 9.30 16.23
O2N NAP K . 24.48 9.20 15.34
O5D NAP K . 22.68 10.45 14.11
C5D NAP K . 23.43 10.20 12.89
C4D NAP K . 22.50 10.21 11.71
O4D NAP K . 21.45 9.25 11.90
C3D NAP K . 21.78 11.53 11.44
O3D NAP K . 21.84 11.86 10.05
C2D NAP K . 20.37 11.23 11.96
O2D NAP K . 19.37 11.93 11.24
C1D NAP K . 20.20 9.76 11.55
N1N NAP K . 19.12 9.08 12.38
C2N NAP K . 19.34 8.84 13.74
C3N NAP K . 18.35 8.26 14.52
C7N NAP K . 18.59 7.82 15.96
O7N NAP K . 17.63 7.56 16.67
N7N NAP K . 19.85 7.82 16.42
C4N NAP K . 17.13 7.94 13.93
C5N NAP K . 16.93 8.19 12.58
C6N NAP K . 17.94 8.75 11.82
P2B NAP K . 30.45 16.87 16.85
O1X NAP K . 30.67 17.84 15.74
O2X NAP K . 29.43 17.36 17.90
O3X NAP K . 31.75 16.47 17.60
HOA2 NAP K . 23.79 13.93 17.46
H51A NAP K . 25.14 13.25 14.50
H52A NAP K . 25.56 14.33 15.84
H4B NAP K . 27.44 12.79 13.97
H3B NAP K . 28.04 13.29 16.68
HO3A NAP K . 29.38 12.03 15.48
H2B NAP K . 27.91 15.59 16.54
H1B NAP K . 29.22 15.50 13.76
H8A NAP K . 26.43 17.29 15.76
H61A NAP K . 27.04 21.68 13.66
H62A NAP K . 28.03 22.24 12.35
H2A NAP K . 30.42 18.69 10.93
H51N NAP K . 24.02 9.30 12.89
H52N NAP K . 24.14 11.02 12.85
H4D NAP K . 23.03 9.88 10.82
H3D NAP K . 22.20 12.35 12.02
HO3N NAP K . 21.41 11.12 9.55
H2D NAP K . 20.27 11.40 13.02
HO2N NAP K . 19.24 12.81 11.69
H1D NAP K . 19.98 9.56 10.51
H2N NAP K . 20.28 9.19 14.17
H71N NAP K . 20.04 7.52 17.37
H72N NAP K . 20.68 8.05 15.88
H4N NAP K . 16.32 7.53 14.50
H5N NAP K . 15.97 8.00 12.12
H6N NAP K . 17.77 8.94 10.76
HOP2 NAP K . 29.07 16.70 18.54
HOP3 NAP K . 32.33 15.70 17.35
C13 8K4 L . 13.60 11.46 17.96
C18 8K4 L . 15.47 10.47 14.71
C17 8K4 L . 13.74 12.66 15.90
C16 8K4 L . 14.20 13.78 16.56
C15 8K4 L . 14.35 13.70 17.91
C22 8K4 L . 16.94 10.95 16.78
C23 8K4 L . 18.35 11.37 16.28
C24 8K4 L . 17.67 11.77 14.94
C11 8K4 L . 13.45 11.47 16.58
C12 8K4 L . 14.50 9.58 15.45
C1 8K4 L . 12.23 10.45 14.53
C2 8K4 L . 13.10 10.15 15.79
C3 8K4 L . 12.27 9.13 16.64
C4 8K4 L . 12.02 7.84 15.85
C5 8K4 L . 11.20 8.15 14.60
C6 8K4 L . 11.97 9.16 13.74
C7 8K4 L . 10.86 11.04 14.93
C8 8K4 L . 9.85 8.75 15.00
C9 8K4 L . 10.09 10.03 15.80
C10 8K4 L . 10.91 9.72 17.05
C14 8K4 L . 14.05 12.58 18.64
N19 8K4 L . 16.51 11.00 15.39
O20 8K4 L . 15.32 10.64 13.50
F21 8K4 L . 14.86 14.78 18.57
O25 8K4 L . 18.98 12.42 17.03
C26 8K4 L . 18.12 13.48 17.47
H43 8K4 L . 13.37 10.59 18.56
H46 8K4 L . 13.62 12.74 14.82
H45 8K4 L . 14.43 14.69 16.01
H47 8K4 L . 16.38 11.61 17.45
H48 8K4 L . 16.89 9.97 17.25
H49 8K4 L . 19.07 10.55 16.18
H51 8K4 L . 18.17 11.40 14.05
H50 8K4 L . 17.48 12.84 14.76
H42 8K4 L . 14.98 9.24 16.36
H41 8K4 L . 14.38 8.64 14.90
H27 8K4 L . 12.72 11.13 13.85
H28 8K4 L . 12.82 8.84 17.55
H30 8K4 L . 11.46 7.15 16.48
H29 8K4 L . 12.93 7.28 15.62
H31 8K4 L . 11.04 7.23 14.04
H32 8K4 L . 12.87 8.72 13.32
H33 8K4 L . 11.37 9.39 12.85
H35 8K4 L . 10.29 11.27 14.04
H34 8K4 L . 10.96 11.99 15.45
H36 8K4 L . 9.25 8.96 14.12
H37 8K4 L . 9.27 8.04 15.59
H38 8K4 L . 9.14 10.47 16.09
H39 8K4 L . 11.00 10.60 17.68
H40 8K4 L . 10.38 9.00 17.67
H44 8K4 L . 14.17 12.56 19.72
H52 8K4 L . 17.77 13.14 18.45
H53 8K4 L . 17.26 13.69 16.84
H54 8K4 L . 18.66 14.42 17.61
#